data_6BMY
#
_entry.id   6BMY
#
_cell.length_a   46.050
_cell.length_b   213.710
_cell.length_c   55.980
_cell.angle_alpha   90.00
_cell.angle_beta   96.71
_cell.angle_gamma   90.00
#
_symmetry.space_group_name_H-M   'P 1 21 1'
#
loop_
_entity.id
_entity.type
_entity.pdbx_description
1 polymer 'Tyrosine-protein phosphatase non-receptor type 11'
2 non-polymer 6-(4-azanyl-4-methyl-piperidin-1-yl)-3-[2,3-bis(chloranyl)phenyl]pyrazin-2-amine
3 non-polymer 1-(3-chloro-4-{[1-(2-hydroxy-3-methoxyphenyl)-5-oxo[1,2,4]triazolo[4,3-a]quinazolin-4(5H)-yl]methyl}benzene-1-carbonyl)-L-proline
4 non-polymer 'PHOSPHATE ION'
5 non-polymer GLYCEROL
6 water water
#
_entity_poly.entity_id   1
_entity_poly.type   'polypeptide(L)'
_entity_poly.pdbx_seq_one_letter_code
;SMTSRRWFHPNITGVEAENLLLTRGVDGSFLARPSKSNPGDFTLSVRRNGAVTHIKIQNTGDYYDLYGGEKFATLAELVQ
YYMEHHGQLKEKNGDVIELKYPLNCADPTSERWFHGHLSGKEAEKLLTEKGKHGSFLVRESQSHPGDFVLSVRTGDDKGE
SNDGKSKVTHVMIRCQELKYDVGGGERFDSLTDLVEHYKKNPMVETLGTVLQLKQPLNTTRINAAEIESRVRELSKLAET
TDKVKQGFWEEFETLQQQECKLLYSRKEGQRQENKNKNRYKNILPFDHTRVVLHDGDPNEPVSDYINANIIMPEFETKCN
NSKPKKSYIATQGCLQNTVNDFWRMVFQENSRVIVMTTKEVERGKSKCVKYWPDEYALKEYGVMRVRNVKESAAHDYTLR
ELKLSKVGQGNTERTVWQYHFRTWPDHGVPSDPGGVLDFLEEVHHKQESIMDAGPVVVHCSAGIGRTGTFIVIDILIDII
REKGVDCDIDVPKTIQMVRSQRSGMVQTEAQYRFIYMAVQHYIETL
;
_entity_poly.pdbx_strand_id   A,B
#
# COMPACT_ATOMS: atom_id res chain seq x y z
N SER A 4 -20.95 35.72 2.36
CA SER A 4 -19.84 36.47 1.76
C SER A 4 -18.47 35.86 2.15
N ARG A 5 -17.45 36.09 1.32
CA ARG A 5 -16.11 35.55 1.53
C ARG A 5 -15.10 36.69 1.54
N ARG A 6 -15.53 37.87 2.00
CA ARG A 6 -14.73 39.10 2.05
C ARG A 6 -13.48 38.99 2.97
N TRP A 7 -13.42 38.00 3.88
CA TRP A 7 -12.27 37.79 4.78
C TRP A 7 -11.08 37.20 4.02
N PHE A 8 -11.23 36.91 2.72
CA PHE A 8 -10.12 36.37 1.93
C PHE A 8 -9.53 37.47 1.10
N HIS A 9 -8.24 37.79 1.35
CA HIS A 9 -7.50 38.84 0.66
C HIS A 9 -6.49 38.16 -0.29
N PRO A 10 -6.69 38.22 -1.63
CA PRO A 10 -5.78 37.51 -2.53
C PRO A 10 -4.39 38.12 -2.76
N ASN A 11 -4.23 39.45 -2.68
CA ASN A 11 -2.96 40.11 -3.00
C ASN A 11 -2.28 40.81 -1.82
N ILE A 12 -2.34 40.22 -0.62
CA ILE A 12 -1.69 40.81 0.55
C ILE A 12 -0.57 39.91 1.07
N THR A 13 0.40 40.56 1.72
CA THR A 13 1.56 39.92 2.34
C THR A 13 1.27 39.81 3.85
N GLY A 14 2.09 39.04 4.57
CA GLY A 14 1.98 38.88 6.02
C GLY A 14 2.09 40.18 6.80
N VAL A 15 2.93 41.12 6.29
CA VAL A 15 3.14 42.44 6.91
C VAL A 15 1.89 43.30 6.74
N GLU A 16 1.34 43.39 5.50
CA GLU A 16 0.09 44.10 5.20
C GLU A 16 -1.05 43.51 6.04
N ALA A 17 -1.08 42.16 6.22
CA ALA A 17 -2.07 41.43 7.03
C ALA A 17 -1.99 41.83 8.48
N GLU A 18 -0.76 41.97 9.00
CA GLU A 18 -0.50 42.36 10.38
C GLU A 18 -0.98 43.80 10.60
N ASN A 19 -0.63 44.72 9.68
CA ASN A 19 -1.02 46.14 9.72
C ASN A 19 -2.53 46.35 9.51
N LEU A 20 -3.17 45.52 8.65
CA LEU A 20 -4.62 45.57 8.38
C LEU A 20 -5.36 45.26 9.67
N LEU A 21 -4.94 44.19 10.36
CA LEU A 21 -5.54 43.73 11.61
C LEU A 21 -5.22 44.65 12.79
N LEU A 22 -4.01 45.21 12.87
CA LEU A 22 -3.61 46.07 13.99
C LEU A 22 -4.24 47.47 13.93
N THR A 23 -4.36 48.05 12.73
CA THR A 23 -4.91 49.38 12.59
C THR A 23 -6.41 49.41 12.34
N ARG A 24 -6.99 48.36 11.70
CA ARG A 24 -8.41 48.36 11.34
C ARG A 24 -9.22 47.23 11.97
N GLY A 25 -8.58 46.38 12.77
CA GLY A 25 -9.26 45.28 13.44
C GLY A 25 -9.28 45.44 14.95
N VAL A 26 -9.93 44.49 15.62
CA VAL A 26 -10.02 44.41 17.07
C VAL A 26 -9.63 42.99 17.50
N ASP A 27 -9.67 42.66 18.81
CA ASP A 27 -9.40 41.29 19.25
C ASP A 27 -10.56 40.43 18.70
N GLY A 28 -10.22 39.36 17.99
CA GLY A 28 -11.23 38.52 17.36
C GLY A 28 -11.31 38.75 15.87
N SER A 29 -10.65 39.81 15.35
CA SER A 29 -10.61 40.10 13.91
C SER A 29 -9.72 39.08 13.19
N PHE A 30 -10.09 38.69 11.97
CA PHE A 30 -9.33 37.70 11.21
C PHE A 30 -9.44 37.87 9.71
N LEU A 31 -8.51 37.24 8.99
CA LEU A 31 -8.53 37.17 7.54
C LEU A 31 -7.74 35.94 7.07
N ALA A 32 -7.95 35.52 5.84
CA ALA A 32 -7.18 34.41 5.25
C ALA A 32 -6.58 34.95 3.99
N ARG A 33 -5.43 34.41 3.58
CA ARG A 33 -4.69 34.88 2.41
C ARG A 33 -3.82 33.78 1.81
N PRO A 34 -3.48 33.85 0.51
CA PRO A 34 -2.54 32.86 -0.05
C PRO A 34 -1.09 33.19 0.34
N SER A 35 -0.20 32.16 0.41
CA SER A 35 1.21 32.33 0.72
C SER A 35 1.95 32.98 -0.45
N ASN A 38 5.80 29.84 0.63
CA ASN A 38 5.60 28.63 -0.17
C ASN A 38 4.24 28.68 -0.92
N PRO A 39 4.17 29.14 -2.19
CA PRO A 39 2.86 29.18 -2.89
C PRO A 39 2.15 27.82 -2.96
N GLY A 40 0.82 27.83 -2.85
CA GLY A 40 -0.05 26.67 -2.79
C GLY A 40 -0.62 26.50 -1.39
N ASP A 41 0.03 27.19 -0.41
CA ASP A 41 -0.32 27.25 1.02
C ASP A 41 -1.19 28.49 1.29
N PHE A 42 -1.79 28.55 2.49
CA PHE A 42 -2.63 29.65 2.93
C PHE A 42 -2.33 30.01 4.38
N THR A 43 -2.74 31.22 4.79
CA THR A 43 -2.53 31.68 6.16
C THR A 43 -3.81 32.25 6.72
N LEU A 44 -4.12 31.87 7.96
CA LEU A 44 -5.20 32.45 8.72
C LEU A 44 -4.52 33.42 9.73
N SER A 45 -4.66 34.75 9.52
CA SER A 45 -4.06 35.77 10.42
C SER A 45 -5.16 36.28 11.39
N VAL A 46 -4.97 36.08 12.70
CA VAL A 46 -5.94 36.39 13.75
C VAL A 46 -5.41 37.38 14.80
N ARG A 47 -6.19 38.42 15.11
CA ARG A 47 -5.85 39.32 16.20
C ARG A 47 -6.40 38.75 17.53
N ARG A 48 -5.52 38.64 18.54
CA ARG A 48 -5.84 38.10 19.85
C ARG A 48 -4.97 38.81 20.89
N ASN A 49 -5.62 39.48 21.86
CA ASN A 49 -4.94 40.23 22.93
C ASN A 49 -3.91 41.28 22.40
N GLY A 50 -4.34 42.08 21.41
CA GLY A 50 -3.50 43.11 20.79
C GLY A 50 -2.38 42.64 19.86
N ALA A 51 -2.18 41.32 19.74
CA ALA A 51 -1.15 40.76 18.87
C ALA A 51 -1.78 39.90 17.75
N VAL A 52 -1.06 39.78 16.61
CA VAL A 52 -1.46 39.02 15.42
C VAL A 52 -0.77 37.63 15.41
N THR A 53 -1.60 36.57 15.33
CA THR A 53 -1.17 35.18 15.23
C THR A 53 -1.41 34.73 13.77
N HIS A 54 -0.39 34.09 13.16
CA HIS A 54 -0.44 33.57 11.81
C HIS A 54 -0.51 32.03 11.88
N ILE A 55 -1.56 31.42 11.28
CA ILE A 55 -1.79 29.97 11.27
C ILE A 55 -1.69 29.41 9.84
N LYS A 56 -0.87 28.38 9.68
CA LYS A 56 -0.66 27.76 8.36
C LYS A 56 -1.80 26.84 7.96
N ILE A 57 -2.18 26.94 6.69
CA ILE A 57 -3.17 26.08 6.04
C ILE A 57 -2.47 25.48 4.85
N GLN A 58 -2.35 24.16 4.86
CA GLN A 58 -1.72 23.48 3.76
C GLN A 58 -2.76 22.67 2.97
N ASN A 59 -2.58 22.62 1.67
CA ASN A 59 -3.38 21.81 0.76
C ASN A 59 -2.50 21.33 -0.36
N THR A 60 -2.20 20.02 -0.38
CA THR A 60 -1.41 19.39 -1.45
C THR A 60 -2.35 18.70 -2.47
N GLY A 61 -3.66 18.84 -2.28
CA GLY A 61 -4.63 18.24 -3.21
C GLY A 61 -5.81 17.47 -2.65
N ASP A 62 -5.80 17.14 -1.36
CA ASP A 62 -6.83 16.32 -0.71
C ASP A 62 -7.80 17.06 0.21
N TYR A 63 -7.32 18.11 0.89
CA TYR A 63 -8.10 18.89 1.87
C TYR A 63 -7.28 20.05 2.38
N TYR A 64 -7.96 21.03 2.98
CA TYR A 64 -7.35 22.20 3.62
C TYR A 64 -7.04 21.73 5.04
N ASP A 65 -5.74 21.64 5.36
CA ASP A 65 -5.21 21.17 6.65
C ASP A 65 -4.66 22.34 7.49
N LEU A 66 -5.45 22.75 8.49
CA LEU A 66 -5.14 23.85 9.39
C LEU A 66 -4.26 23.38 10.56
N TYR A 67 -3.12 24.06 10.79
CA TYR A 67 -2.23 23.74 11.92
C TYR A 67 -2.96 23.95 13.25
N GLY A 68 -2.89 22.97 14.13
CA GLY A 68 -3.56 23.03 15.43
C GLY A 68 -5.07 22.98 15.34
N GLY A 69 -5.58 22.66 14.14
CA GLY A 69 -7.00 22.56 13.87
C GLY A 69 -7.35 21.29 13.14
N GLU A 70 -8.38 21.38 12.31
CA GLU A 70 -8.88 20.25 11.54
C GLU A 70 -8.64 20.36 10.04
N LYS A 71 -9.11 19.32 9.31
CA LYS A 71 -9.09 19.19 7.85
C LYS A 71 -10.48 19.53 7.32
N PHE A 72 -10.52 20.37 6.28
CA PHE A 72 -11.74 20.91 5.69
C PHE A 72 -11.79 20.82 4.20
N ALA A 73 -13.00 20.80 3.63
CA ALA A 73 -13.18 20.75 2.18
C ALA A 73 -12.96 22.07 1.50
N THR A 74 -13.32 23.20 2.15
CA THR A 74 -13.15 24.55 1.53
C THR A 74 -12.80 25.54 2.62
N LEU A 75 -12.21 26.70 2.26
CA LEU A 75 -11.88 27.74 3.26
C LEU A 75 -13.16 28.34 3.88
N ALA A 76 -14.25 28.45 3.09
CA ALA A 76 -15.54 28.95 3.60
C ALA A 76 -16.13 28.00 4.65
N GLU A 77 -15.99 26.66 4.48
CA GLU A 77 -16.47 25.66 5.45
C GLU A 77 -15.65 25.71 6.71
N LEU A 78 -14.31 25.88 6.56
CA LEU A 78 -13.38 26.09 7.69
C LEU A 78 -13.82 27.32 8.54
N VAL A 79 -13.97 28.49 7.89
CA VAL A 79 -14.36 29.76 8.54
C VAL A 79 -15.77 29.67 9.14
N GLN A 80 -16.73 29.07 8.39
CA GLN A 80 -18.09 28.89 8.91
C GLN A 80 -18.07 28.07 10.19
N TYR A 81 -17.28 26.96 10.21
CA TYR A 81 -17.21 26.07 11.37
C TYR A 81 -16.61 26.76 12.62
N TYR A 82 -15.46 27.44 12.47
CA TYR A 82 -14.78 28.05 13.61
C TYR A 82 -15.48 29.27 14.19
N MET A 83 -16.24 30.01 13.39
CA MET A 83 -17.02 31.15 13.85
C MET A 83 -18.22 30.64 14.67
N GLU A 84 -18.73 29.44 14.33
CA GLU A 84 -19.86 28.80 14.98
C GLU A 84 -19.48 27.93 16.18
N HIS A 85 -18.31 27.24 16.13
CA HIS A 85 -17.88 26.31 17.20
C HIS A 85 -16.63 26.78 17.92
N HIS A 86 -16.82 27.58 18.98
CA HIS A 86 -15.70 28.13 19.74
C HIS A 86 -15.04 27.10 20.70
N GLY A 87 -13.74 27.26 20.87
CA GLY A 87 -12.89 26.37 21.67
C GLY A 87 -12.17 25.30 20.85
N GLN A 88 -12.40 25.26 19.52
CA GLN A 88 -11.79 24.24 18.67
C GLN A 88 -10.42 24.63 18.12
N LEU A 89 -10.14 25.93 17.98
CA LEU A 89 -8.87 26.41 17.45
C LEU A 89 -7.97 26.89 18.57
N LYS A 90 -6.74 26.34 18.62
CA LYS A 90 -5.73 26.65 19.64
C LYS A 90 -4.39 26.72 18.94
N GLY A 94 -1.51 26.24 23.67
CA GLY A 94 -2.73 25.58 24.10
C GLY A 94 -3.93 26.50 24.27
N ASP A 95 -3.70 27.81 24.27
CA ASP A 95 -4.73 28.85 24.43
C ASP A 95 -5.63 28.92 23.18
N VAL A 96 -6.94 29.11 23.38
CA VAL A 96 -7.94 29.16 22.30
C VAL A 96 -7.86 30.47 21.48
N ILE A 97 -7.99 30.33 20.15
CA ILE A 97 -7.99 31.40 19.15
C ILE A 97 -9.43 31.48 18.62
N GLU A 98 -10.07 32.65 18.78
CA GLU A 98 -11.45 32.90 18.37
C GLU A 98 -11.52 33.71 17.08
N LEU A 99 -12.37 33.27 16.12
CA LEU A 99 -12.60 33.97 14.85
C LEU A 99 -13.94 34.68 15.05
N LYS A 100 -13.89 35.98 15.33
CA LYS A 100 -15.09 36.75 15.64
C LYS A 100 -15.52 37.67 14.52
N TYR A 101 -14.61 38.53 14.05
CA TYR A 101 -14.88 39.56 13.07
C TYR A 101 -14.12 39.40 11.78
N PRO A 102 -14.79 39.05 10.66
CA PRO A 102 -14.08 38.99 9.39
C PRO A 102 -13.54 40.38 9.01
N LEU A 103 -12.25 40.48 8.68
CA LEU A 103 -11.76 41.78 8.24
C LEU A 103 -11.88 41.77 6.72
N ASN A 104 -12.80 42.60 6.21
CA ASN A 104 -13.18 42.61 4.83
C ASN A 104 -12.19 43.23 3.90
N CYS A 105 -12.05 42.58 2.76
CA CYS A 105 -11.18 42.92 1.66
C CYS A 105 -11.95 43.74 0.65
N ALA A 106 -11.38 44.86 0.19
CA ALA A 106 -12.02 45.76 -0.78
C ALA A 106 -11.51 45.54 -2.22
N ASP A 107 -10.51 44.65 -2.39
CA ASP A 107 -9.87 44.33 -3.67
C ASP A 107 -10.84 43.57 -4.59
N PRO A 108 -11.10 44.03 -5.83
CA PRO A 108 -12.06 43.33 -6.69
C PRO A 108 -11.48 42.29 -7.65
N THR A 109 -10.17 41.97 -7.56
CA THR A 109 -9.49 41.04 -8.48
C THR A 109 -10.16 39.67 -8.58
N SER A 110 -10.70 39.12 -7.48
CA SER A 110 -11.37 37.80 -7.54
C SER A 110 -12.90 37.87 -7.78
N GLU A 111 -13.38 39.00 -8.34
CA GLU A 111 -14.79 39.19 -8.69
C GLU A 111 -14.97 38.78 -10.13
N ARG A 112 -16.11 38.11 -10.42
CA ARG A 112 -16.44 37.60 -11.76
CA ARG A 112 -16.50 37.58 -11.75
C ARG A 112 -16.57 38.68 -12.81
N TRP A 113 -17.07 39.87 -12.42
CA TRP A 113 -17.31 41.01 -13.29
C TRP A 113 -16.12 41.99 -13.45
N PHE A 114 -15.06 41.85 -12.62
CA PHE A 114 -13.92 42.78 -12.66
C PHE A 114 -12.89 42.39 -13.72
N HIS A 115 -12.70 43.26 -14.70
CA HIS A 115 -11.79 42.97 -15.81
C HIS A 115 -10.59 43.93 -15.96
N GLY A 116 -10.11 44.48 -14.84
CA GLY A 116 -8.97 45.39 -14.76
C GLY A 116 -8.81 46.25 -15.99
N HIS A 117 -7.66 46.12 -16.68
CA HIS A 117 -7.41 46.87 -17.91
C HIS A 117 -8.12 46.21 -19.10
N LEU A 118 -9.15 46.88 -19.66
CA LEU A 118 -9.93 46.36 -20.78
C LEU A 118 -10.06 47.36 -21.95
N GLU A 124 -16.88 46.29 -25.01
CA GLU A 124 -18.02 46.40 -25.92
C GLU A 124 -18.06 45.28 -26.99
N LYS A 125 -16.90 44.81 -27.48
CA LYS A 125 -16.85 43.71 -28.46
C LYS A 125 -17.41 42.44 -27.76
N LEU A 126 -16.89 42.16 -26.55
CA LEU A 126 -17.28 41.05 -25.69
C LEU A 126 -18.74 41.11 -25.29
N LEU A 127 -19.23 42.29 -24.84
CA LEU A 127 -20.63 42.46 -24.47
C LEU A 127 -21.57 42.23 -25.64
N THR A 128 -21.17 42.64 -26.86
CA THR A 128 -21.97 42.48 -28.09
C THR A 128 -21.98 41.01 -28.53
N GLU A 129 -20.79 40.37 -28.51
CA GLU A 129 -20.64 38.97 -28.90
C GLU A 129 -21.23 37.96 -27.91
N LYS A 130 -20.79 38.01 -26.65
CA LYS A 130 -21.13 37.07 -25.58
C LYS A 130 -22.30 37.46 -24.70
N GLY A 131 -22.49 38.76 -24.51
CA GLY A 131 -23.52 39.30 -23.62
C GLY A 131 -24.96 39.06 -24.03
N LYS A 132 -25.86 39.28 -23.06
CA LYS A 132 -27.31 39.20 -23.17
C LYS A 132 -27.88 40.28 -22.24
N HIS A 133 -29.22 40.41 -22.13
CA HIS A 133 -29.84 41.42 -21.25
C HIS A 133 -29.40 41.28 -19.79
N GLY A 134 -28.79 42.34 -19.28
CA GLY A 134 -28.30 42.39 -17.91
C GLY A 134 -26.86 41.97 -17.70
N SER A 135 -26.15 41.63 -18.80
CA SER A 135 -24.73 41.25 -18.70
C SER A 135 -23.91 42.49 -18.49
N PHE A 136 -23.02 42.44 -17.48
CA PHE A 136 -22.21 43.57 -17.09
C PHE A 136 -20.78 43.19 -16.75
N LEU A 137 -19.94 44.22 -16.67
CA LEU A 137 -18.53 44.15 -16.33
C LEU A 137 -18.06 45.50 -15.75
N VAL A 138 -16.91 45.49 -15.10
CA VAL A 138 -16.28 46.68 -14.53
C VAL A 138 -14.84 46.62 -15.00
N ARG A 139 -14.37 47.70 -15.61
CA ARG A 139 -13.02 47.84 -16.13
C ARG A 139 -12.40 49.13 -15.58
N GLU A 140 -11.08 49.24 -15.66
CA GLU A 140 -10.43 50.45 -15.17
C GLU A 140 -10.28 51.46 -16.31
N SER A 141 -10.70 52.74 -16.07
CA SER A 141 -10.63 53.84 -17.04
C SER A 141 -9.19 54.24 -17.37
N PRO A 145 -8.24 57.36 -15.51
CA PRO A 145 -7.05 57.57 -14.66
C PRO A 145 -7.38 57.37 -13.17
N GLY A 146 -7.43 56.11 -12.74
CA GLY A 146 -7.77 55.74 -11.37
C GLY A 146 -9.28 55.57 -11.16
N ASP A 147 -10.07 55.97 -12.18
CA ASP A 147 -11.52 55.80 -12.19
C ASP A 147 -11.87 54.47 -12.87
N PHE A 148 -13.13 54.05 -12.81
CA PHE A 148 -13.57 52.79 -13.41
C PHE A 148 -14.78 53.00 -14.30
N VAL A 149 -15.17 51.99 -15.11
CA VAL A 149 -16.35 52.07 -15.99
C VAL A 149 -17.22 50.83 -15.77
N LEU A 150 -18.53 51.01 -15.63
CA LEU A 150 -19.49 49.91 -15.52
C LEU A 150 -20.20 49.80 -16.87
N SER A 151 -19.93 48.74 -17.62
CA SER A 151 -20.54 48.52 -18.93
C SER A 151 -21.64 47.48 -18.82
N VAL A 152 -22.86 47.83 -19.26
CA VAL A 152 -24.06 46.99 -19.15
C VAL A 152 -24.74 46.80 -20.50
N ARG A 153 -25.19 45.58 -20.77
CA ARG A 153 -25.96 45.29 -21.97
C ARG A 153 -27.40 45.15 -21.52
N THR A 154 -28.33 45.78 -22.26
CA THR A 154 -29.78 45.70 -22.03
C THR A 154 -30.50 45.36 -23.32
N GLY A 155 -31.68 44.74 -23.21
CA GLY A 155 -32.50 44.36 -24.34
C GLY A 155 -33.38 43.15 -24.10
N SER A 166 -31.47 46.00 -28.43
CA SER A 166 -30.37 45.81 -27.49
C SER A 166 -29.28 46.87 -27.63
N LYS A 167 -28.64 47.24 -26.50
CA LYS A 167 -27.60 48.27 -26.45
C LYS A 167 -26.59 48.05 -25.31
N VAL A 168 -25.47 48.77 -25.35
CA VAL A 168 -24.45 48.78 -24.30
C VAL A 168 -24.39 50.22 -23.71
N THR A 169 -24.49 50.33 -22.37
CA THR A 169 -24.42 51.60 -21.66
C THR A 169 -23.22 51.55 -20.73
N HIS A 170 -22.39 52.61 -20.79
CA HIS A 170 -21.21 52.79 -19.95
C HIS A 170 -21.49 53.85 -18.86
N VAL A 171 -21.36 53.45 -17.57
CA VAL A 171 -21.56 54.32 -16.40
C VAL A 171 -20.19 54.55 -15.81
N MET A 172 -19.79 55.82 -15.65
CA MET A 172 -18.47 56.09 -15.08
C MET A 172 -18.46 55.94 -13.57
N ILE A 173 -17.38 55.34 -13.04
CA ILE A 173 -17.22 55.13 -11.61
C ILE A 173 -16.06 55.97 -11.12
N ARG A 174 -16.39 57.02 -10.38
CA ARG A 174 -15.39 57.94 -9.85
C ARG A 174 -14.78 57.36 -8.59
N CYS A 175 -13.47 57.48 -8.49
CA CYS A 175 -12.78 57.07 -7.29
C CYS A 175 -12.19 58.34 -6.76
N GLN A 176 -12.73 58.79 -5.62
CA GLN A 176 -12.35 60.02 -4.93
C GLN A 176 -12.15 59.65 -3.46
N GLU A 177 -10.93 59.86 -2.94
CA GLU A 177 -10.53 59.59 -1.54
C GLU A 177 -10.86 58.15 -1.06
N LEU A 178 -10.50 57.15 -1.90
CA LEU A 178 -10.68 55.71 -1.66
C LEU A 178 -12.14 55.24 -1.68
N LYS A 179 -13.07 56.15 -2.07
CA LYS A 179 -14.48 55.81 -2.16
C LYS A 179 -14.93 55.90 -3.59
N TYR A 180 -15.90 55.07 -3.97
CA TYR A 180 -16.43 54.95 -5.31
C TYR A 180 -17.85 55.46 -5.39
N ASP A 181 -18.21 56.12 -6.51
CA ASP A 181 -19.55 56.66 -6.75
C ASP A 181 -19.83 56.77 -8.24
N VAL A 182 -21.14 56.75 -8.62
CA VAL A 182 -21.61 56.88 -10.01
C VAL A 182 -21.99 58.35 -10.38
N GLY A 183 -21.43 59.32 -9.69
CA GLY A 183 -21.68 60.74 -9.98
C GLY A 183 -22.56 61.48 -8.98
N GLY A 184 -23.17 60.73 -8.07
CA GLY A 184 -24.04 61.26 -7.03
C GLY A 184 -24.50 60.14 -6.12
N GLY A 185 -25.22 60.50 -5.07
CA GLY A 185 -25.75 59.57 -4.08
C GLY A 185 -24.69 59.06 -3.12
N GLU A 186 -24.74 57.76 -2.81
CA GLU A 186 -23.84 57.10 -1.87
C GLU A 186 -22.40 56.94 -2.39
N ARG A 187 -21.43 56.99 -1.47
CA ARG A 187 -20.00 56.82 -1.71
C ARG A 187 -19.58 55.50 -1.04
N PHE A 188 -19.28 54.48 -1.86
CA PHE A 188 -18.93 53.10 -1.49
C PHE A 188 -17.46 52.89 -1.19
N ASP A 189 -17.15 52.09 -0.14
CA ASP A 189 -15.78 51.76 0.29
C ASP A 189 -15.04 50.78 -0.65
N SER A 190 -15.78 50.11 -1.54
CA SER A 190 -15.24 49.15 -2.51
C SER A 190 -16.11 49.11 -3.75
N LEU A 191 -15.56 48.56 -4.85
CA LEU A 191 -16.33 48.38 -6.07
C LEU A 191 -17.42 47.35 -5.85
N THR A 192 -17.16 46.33 -4.99
CA THR A 192 -18.11 45.25 -4.64
C THR A 192 -19.36 45.84 -4.00
N ASP A 193 -19.20 46.76 -3.02
CA ASP A 193 -20.32 47.45 -2.35
C ASP A 193 -21.14 48.27 -3.37
N LEU A 194 -20.46 48.92 -4.33
CA LEU A 194 -21.12 49.71 -5.38
C LEU A 194 -21.93 48.80 -6.27
N VAL A 195 -21.29 47.70 -6.76
CA VAL A 195 -21.92 46.71 -7.63
C VAL A 195 -23.15 46.08 -6.95
N GLU A 196 -23.00 45.61 -5.68
CA GLU A 196 -24.09 44.95 -4.94
C GLU A 196 -25.28 45.88 -4.72
N HIS A 197 -24.98 47.17 -4.43
CA HIS A 197 -25.99 48.21 -4.25
C HIS A 197 -26.80 48.42 -5.53
N TYR A 198 -26.11 48.65 -6.68
CA TYR A 198 -26.80 48.93 -7.94
C TYR A 198 -27.36 47.66 -8.58
N LYS A 199 -27.07 46.48 -8.00
CA LYS A 199 -27.68 45.21 -8.40
C LYS A 199 -29.07 45.11 -7.69
N LYS A 200 -29.14 45.53 -6.42
CA LYS A 200 -30.39 45.50 -5.63
C LYS A 200 -31.28 46.66 -6.06
N ASN A 201 -30.69 47.86 -6.23
CA ASN A 201 -31.33 49.12 -6.59
C ASN A 201 -30.82 49.61 -7.98
N PRO A 202 -31.38 49.10 -9.10
CA PRO A 202 -30.84 49.50 -10.42
C PRO A 202 -31.01 50.96 -10.78
N MET A 203 -30.01 51.48 -11.49
CA MET A 203 -30.00 52.82 -12.03
C MET A 203 -31.05 52.86 -13.14
N VAL A 204 -31.88 53.91 -13.16
CA VAL A 204 -32.91 54.07 -14.20
C VAL A 204 -32.53 55.30 -15.02
N GLU A 205 -32.47 55.14 -16.36
CA GLU A 205 -32.18 56.25 -17.25
C GLU A 205 -33.44 57.10 -17.38
N THR A 206 -33.30 58.41 -17.66
CA THR A 206 -34.43 59.37 -17.76
C THR A 206 -35.62 58.87 -18.56
N LEU A 207 -35.34 58.19 -19.70
CA LEU A 207 -36.39 57.68 -20.58
C LEU A 207 -36.89 56.27 -20.20
N GLY A 208 -36.47 55.77 -19.05
CA GLY A 208 -36.97 54.52 -18.51
C GLY A 208 -36.16 53.24 -18.64
N THR A 209 -34.92 53.31 -19.14
CA THR A 209 -34.14 52.08 -19.24
C THR A 209 -33.60 51.70 -17.87
N VAL A 210 -33.96 50.51 -17.39
CA VAL A 210 -33.49 49.99 -16.10
C VAL A 210 -32.14 49.30 -16.36
N LEU A 211 -31.05 49.83 -15.78
CA LEU A 211 -29.72 49.26 -15.94
C LEU A 211 -29.55 48.10 -14.97
N GLN A 212 -30.20 46.96 -15.29
CA GLN A 212 -30.20 45.75 -14.49
C GLN A 212 -28.91 44.99 -14.64
N LEU A 213 -28.23 44.74 -13.52
CA LEU A 213 -26.98 44.02 -13.52
C LEU A 213 -27.35 42.58 -13.14
N LYS A 214 -27.84 41.79 -14.13
CA LYS A 214 -28.34 40.42 -13.95
C LYS A 214 -27.22 39.43 -13.71
N GLN A 215 -26.30 39.33 -14.67
CA GLN A 215 -25.18 38.42 -14.55
C GLN A 215 -23.86 39.01 -15.06
N PRO A 216 -22.70 38.63 -14.50
CA PRO A 216 -21.42 39.10 -15.05
C PRO A 216 -21.23 38.53 -16.45
N LEU A 217 -20.56 39.28 -17.36
CA LEU A 217 -20.32 38.80 -18.72
C LEU A 217 -19.52 37.49 -18.65
N ASN A 218 -19.89 36.48 -19.45
CA ASN A 218 -19.11 35.23 -19.44
C ASN A 218 -17.86 35.39 -20.30
N THR A 219 -16.69 35.21 -19.68
CA THR A 219 -15.41 35.28 -20.40
C THR A 219 -14.64 33.97 -20.27
N THR A 220 -15.23 32.95 -19.58
CA THR A 220 -14.54 31.67 -19.37
C THR A 220 -14.95 30.57 -20.33
N ARG A 221 -16.19 30.64 -20.88
CA ARG A 221 -16.68 29.69 -21.89
C ARG A 221 -15.84 29.87 -23.16
N ILE A 222 -15.27 28.77 -23.61
CA ILE A 222 -14.44 28.74 -24.80
C ILE A 222 -14.98 27.69 -25.73
N ASN A 223 -14.64 27.81 -27.00
CA ASN A 223 -14.95 26.78 -27.95
C ASN A 223 -13.78 25.76 -27.76
N ALA A 224 -14.09 24.45 -27.65
CA ALA A 224 -13.10 23.39 -27.39
C ALA A 224 -11.89 23.39 -28.32
N ALA A 225 -12.08 23.71 -29.60
CA ALA A 225 -10.98 23.77 -30.55
C ALA A 225 -9.99 24.91 -30.23
N GLU A 226 -10.40 25.93 -29.43
CA GLU A 226 -9.53 27.07 -29.07
C GLU A 226 -8.87 26.95 -27.66
N ILE A 227 -8.83 25.72 -27.07
CA ILE A 227 -8.24 25.47 -25.75
C ILE A 227 -6.75 25.84 -25.68
N GLU A 228 -5.94 25.41 -26.66
CA GLU A 228 -4.51 25.72 -26.68
C GLU A 228 -4.27 27.24 -26.56
N SER A 229 -5.12 28.03 -27.25
CA SER A 229 -5.08 29.50 -27.23
C SER A 229 -5.42 30.04 -25.84
N ARG A 230 -6.48 29.52 -25.20
CA ARG A 230 -6.88 29.90 -23.83
C ARG A 230 -5.79 29.51 -22.80
N VAL A 231 -5.23 28.30 -22.90
CA VAL A 231 -4.17 27.80 -22.02
C VAL A 231 -2.92 28.69 -22.11
N ARG A 232 -2.57 29.13 -23.34
CA ARG A 232 -1.46 30.07 -23.60
C ARG A 232 -1.72 31.43 -22.91
N GLU A 233 -2.94 31.99 -23.02
CA GLU A 233 -3.28 33.25 -22.38
C GLU A 233 -3.33 33.11 -20.85
N LEU A 234 -3.90 31.97 -20.35
CA LEU A 234 -3.98 31.69 -18.91
C LEU A 234 -2.61 31.43 -18.30
N SER A 235 -1.61 31.06 -19.13
CA SER A 235 -0.22 30.81 -18.68
C SER A 235 0.59 32.12 -18.52
N LYS A 236 0.14 33.22 -19.15
CA LYS A 236 0.74 34.55 -19.02
C LYS A 236 0.53 35.11 -17.62
N LEU A 237 1.44 35.98 -17.15
CA LEU A 237 1.42 36.61 -15.83
C LEU A 237 0.24 37.57 -15.60
N GLN A 246 0.02 34.24 -12.53
CA GLN A 246 -0.53 33.66 -13.77
C GLN A 246 -2.06 33.73 -13.85
N GLY A 247 -2.58 33.81 -15.07
CA GLY A 247 -4.01 33.89 -15.38
C GLY A 247 -4.81 32.74 -14.81
N PHE A 248 -4.18 31.54 -14.69
CA PHE A 248 -4.79 30.36 -14.08
C PHE A 248 -5.15 30.62 -12.61
N TRP A 249 -4.26 31.29 -11.87
CA TRP A 249 -4.41 31.62 -10.45
C TRP A 249 -5.60 32.56 -10.25
N GLU A 250 -5.71 33.59 -11.11
CA GLU A 250 -6.78 34.60 -11.04
C GLU A 250 -8.14 33.93 -11.34
N GLU A 251 -8.18 33.05 -12.35
CA GLU A 251 -9.42 32.36 -12.72
C GLU A 251 -9.86 31.43 -11.59
N PHE A 252 -8.91 30.63 -11.04
CA PHE A 252 -9.14 29.72 -9.92
C PHE A 252 -9.58 30.46 -8.65
N GLU A 253 -8.90 31.56 -8.29
CA GLU A 253 -9.27 32.30 -7.10
C GLU A 253 -10.65 32.99 -7.22
N THR A 254 -11.09 33.29 -8.46
CA THR A 254 -12.41 33.88 -8.69
C THR A 254 -13.47 32.79 -8.51
N LEU A 255 -13.12 31.55 -8.88
CA LEU A 255 -13.98 30.39 -8.67
C LEU A 255 -14.06 30.11 -7.17
N GLN A 256 -12.93 30.22 -6.47
CA GLN A 256 -12.89 29.99 -5.03
C GLN A 256 -13.77 31.00 -4.30
N GLN A 257 -13.85 32.23 -4.83
CA GLN A 257 -14.65 33.25 -4.19
C GLN A 257 -16.14 32.89 -4.25
N GLN A 258 -16.54 32.00 -5.18
CA GLN A 258 -17.96 31.61 -5.25
C GLN A 258 -18.37 30.45 -4.32
N GLU A 259 -17.41 29.89 -3.60
CA GLU A 259 -17.67 28.75 -2.71
C GLU A 259 -18.58 29.08 -1.52
N CYS A 260 -18.73 30.40 -1.18
CA CYS A 260 -19.57 30.87 -0.08
CA CYS A 260 -19.57 30.78 -0.05
C CYS A 260 -21.07 30.62 -0.36
N LYS A 261 -21.43 30.33 -1.65
CA LYS A 261 -22.82 30.07 -2.10
C LYS A 261 -23.12 28.57 -1.95
N LEU A 262 -22.10 27.78 -1.56
CA LEU A 262 -22.25 26.35 -1.50
C LEU A 262 -22.21 25.76 -0.08
N LEU A 263 -22.55 26.58 0.95
CA LEU A 263 -22.57 26.06 2.33
C LEU A 263 -23.91 25.39 2.69
N TYR A 264 -24.26 24.32 1.96
CA TYR A 264 -25.48 23.53 2.14
C TYR A 264 -25.42 22.72 3.41
N SER A 265 -26.59 22.35 3.97
CA SER A 265 -26.60 21.57 5.20
C SER A 265 -25.94 20.21 5.01
N ARG A 266 -25.20 19.80 6.04
CA ARG A 266 -24.51 18.52 6.16
C ARG A 266 -24.87 17.96 7.54
N LYS A 267 -26.17 18.01 7.88
CA LYS A 267 -26.67 17.53 9.17
C LYS A 267 -26.56 16.04 9.40
N GLU A 268 -26.95 15.21 8.39
CA GLU A 268 -26.90 13.75 8.56
C GLU A 268 -25.52 13.23 8.93
N GLY A 269 -24.47 13.80 8.32
CA GLY A 269 -23.09 13.41 8.61
C GLY A 269 -22.63 13.74 10.03
N GLN A 270 -23.30 14.68 10.70
CA GLN A 270 -23.01 15.14 12.06
C GLN A 270 -23.64 14.27 13.12
N ARG A 271 -24.66 13.43 12.77
CA ARG A 271 -25.35 12.56 13.72
C ARG A 271 -24.31 11.72 14.48
N GLN A 272 -24.54 11.53 15.79
CA GLN A 272 -23.64 10.78 16.66
C GLN A 272 -23.33 9.42 16.08
N GLU A 273 -24.37 8.74 15.60
CA GLU A 273 -24.21 7.40 15.05
C GLU A 273 -23.47 7.38 13.68
N ASN A 274 -23.29 8.55 13.03
CA ASN A 274 -22.56 8.66 11.77
C ASN A 274 -21.13 9.17 11.90
N LYS A 275 -20.77 9.76 13.07
CA LYS A 275 -19.45 10.35 13.31
C LYS A 275 -18.27 9.46 12.89
N ASN A 276 -18.24 8.18 13.29
CA ASN A 276 -17.11 7.32 12.95
C ASN A 276 -17.23 6.68 11.56
N LYS A 277 -18.16 7.17 10.74
CA LYS A 277 -18.34 6.73 9.34
C LYS A 277 -17.65 7.74 8.41
N ASN A 278 -17.11 8.82 9.01
CA ASN A 278 -16.40 9.86 8.27
C ASN A 278 -14.90 9.70 8.49
N ARG A 279 -14.13 9.69 7.41
CA ARG A 279 -12.67 9.56 7.47
C ARG A 279 -12.08 10.82 8.10
N TYR A 280 -12.63 11.99 7.75
CA TYR A 280 -12.25 13.29 8.30
C TYR A 280 -13.54 13.87 8.87
N LYS A 281 -13.58 14.06 10.20
CA LYS A 281 -14.77 14.48 10.96
C LYS A 281 -15.47 15.73 10.42
N ASN A 282 -14.73 16.66 9.84
CA ASN A 282 -15.29 17.92 9.32
C ASN A 282 -15.53 17.94 7.79
N ILE A 283 -15.28 16.82 7.08
CA ILE A 283 -15.50 16.73 5.62
C ILE A 283 -16.71 15.82 5.47
N LEU A 284 -17.87 16.44 5.18
CA LEU A 284 -19.17 15.77 5.19
C LEU A 284 -19.93 15.86 3.91
N PRO A 285 -20.79 14.87 3.59
CA PRO A 285 -21.58 14.92 2.36
C PRO A 285 -22.80 15.86 2.49
N PHE A 286 -23.13 16.63 1.44
CA PHE A 286 -24.32 17.48 1.49
C PHE A 286 -25.51 16.56 1.63
N ASP A 287 -26.49 16.94 2.46
CA ASP A 287 -27.70 16.15 2.69
C ASP A 287 -28.52 15.98 1.41
N HIS A 288 -28.60 17.04 0.59
CA HIS A 288 -29.45 17.04 -0.60
C HIS A 288 -28.97 16.07 -1.69
N THR A 289 -27.65 15.71 -1.73
CA THR A 289 -27.14 14.80 -2.74
C THR A 289 -26.54 13.53 -2.16
N ARG A 290 -26.46 13.40 -0.80
CA ARG A 290 -25.87 12.20 -0.21
C ARG A 290 -26.53 10.91 -0.70
N VAL A 291 -25.74 9.83 -0.74
CA VAL A 291 -26.31 8.53 -1.13
C VAL A 291 -27.01 7.97 0.11
N VAL A 292 -28.31 7.67 0.00
CA VAL A 292 -29.13 7.10 1.09
C VAL A 292 -29.20 5.59 0.90
N LEU A 293 -28.79 4.83 1.92
CA LEU A 293 -28.77 3.38 1.85
C LEU A 293 -30.06 2.84 2.44
N HIS A 294 -30.81 2.09 1.63
CA HIS A 294 -32.08 1.50 2.04
C HIS A 294 -31.95 0.01 2.37
N ASP A 295 -30.76 -0.60 2.25
CA ASP A 295 -30.52 -2.02 2.52
C ASP A 295 -31.00 -2.42 3.96
N GLY A 296 -30.96 -1.44 4.85
CA GLY A 296 -31.36 -1.41 6.24
C GLY A 296 -31.50 -2.67 7.09
N ASP A 297 -30.50 -2.91 7.95
CA ASP A 297 -30.53 -3.95 8.96
C ASP A 297 -31.45 -3.39 10.10
N PRO A 298 -32.60 -4.03 10.41
CA PRO A 298 -33.47 -3.47 11.47
C PRO A 298 -33.03 -3.90 12.88
N PRO A 301 -30.62 0.67 13.26
CA PRO A 301 -30.95 1.95 13.93
C PRO A 301 -30.67 3.11 12.97
N VAL A 302 -29.39 3.33 12.62
CA VAL A 302 -28.95 4.29 11.61
C VAL A 302 -28.10 3.49 10.64
N SER A 303 -28.76 2.95 9.64
CA SER A 303 -28.15 2.11 8.66
C SER A 303 -28.14 2.76 7.26
N ASP A 304 -28.57 4.04 7.13
CA ASP A 304 -28.74 4.72 5.84
C ASP A 304 -27.60 5.69 5.43
N TYR A 305 -26.49 5.69 6.15
CA TYR A 305 -25.42 6.65 5.90
C TYR A 305 -24.16 6.12 5.31
N ILE A 306 -23.62 6.88 4.34
CA ILE A 306 -22.29 6.68 3.77
C ILE A 306 -21.75 8.09 3.43
N ASN A 307 -20.43 8.33 3.58
CA ASN A 307 -19.90 9.64 3.20
C ASN A 307 -19.64 9.56 1.68
N ALA A 308 -20.70 9.85 0.90
CA ALA A 308 -20.70 9.74 -0.57
C ALA A 308 -21.81 10.64 -1.10
N ASN A 309 -21.62 11.18 -2.31
CA ASN A 309 -22.65 12.03 -2.95
C ASN A 309 -22.82 11.67 -4.41
N ILE A 310 -24.07 11.67 -4.88
CA ILE A 310 -24.35 11.44 -6.29
C ILE A 310 -23.85 12.71 -6.99
N ILE A 311 -23.11 12.56 -8.08
CA ILE A 311 -22.68 13.69 -8.92
C ILE A 311 -23.34 13.51 -10.29
N MET A 312 -24.17 14.49 -10.70
CA MET A 312 -24.89 14.50 -11.99
C MET A 312 -24.29 15.57 -12.92
N PRO A 313 -23.88 15.20 -14.16
CA PRO A 313 -23.26 16.19 -15.06
C PRO A 313 -24.15 17.32 -15.59
N PRO A 324 -28.05 8.11 -14.70
CA PRO A 324 -27.38 7.10 -13.85
C PRO A 324 -26.11 6.61 -14.51
N LYS A 325 -26.24 6.05 -15.73
CA LYS A 325 -25.14 5.56 -16.55
C LYS A 325 -24.09 6.66 -16.87
N LYS A 326 -24.54 7.93 -16.88
CA LYS A 326 -23.75 9.16 -17.16
C LYS A 326 -23.38 9.89 -15.87
N SER A 327 -23.77 9.32 -14.71
CA SER A 327 -23.55 9.85 -13.37
C SER A 327 -22.32 9.26 -12.64
N TYR A 328 -22.06 9.78 -11.44
CA TYR A 328 -20.95 9.36 -10.59
C TYR A 328 -21.42 9.39 -9.17
N ILE A 329 -20.72 8.65 -8.34
CA ILE A 329 -20.84 8.69 -6.90
C ILE A 329 -19.40 9.08 -6.50
N ALA A 330 -19.26 10.23 -5.86
CA ALA A 330 -17.95 10.70 -5.34
C ALA A 330 -17.90 10.33 -3.84
N THR A 331 -16.91 9.53 -3.43
CA THR A 331 -16.88 9.06 -2.05
C THR A 331 -15.46 9.01 -1.50
N GLN A 332 -15.34 8.79 -0.21
CA GLN A 332 -14.07 8.72 0.48
C GLN A 332 -13.54 7.29 0.42
N GLY A 333 -12.24 7.13 0.70
CA GLY A 333 -11.62 5.82 0.85
C GLY A 333 -12.21 5.12 2.05
N CYS A 334 -12.64 3.85 1.89
CA CYS A 334 -13.26 3.06 2.97
C CYS A 334 -12.49 3.08 4.26
N LEU A 335 -13.23 3.00 5.38
CA LEU A 335 -12.64 2.78 6.70
C LEU A 335 -12.98 1.32 6.98
N GLN A 336 -12.28 0.66 7.94
CA GLN A 336 -12.61 -0.74 8.25
C GLN A 336 -14.10 -0.95 8.60
N ASN A 337 -14.72 0.04 9.24
CA ASN A 337 -16.10 0.00 9.66
C ASN A 337 -17.12 0.51 8.59
N THR A 338 -16.65 0.85 7.36
CA THR A 338 -17.55 1.32 6.28
C THR A 338 -17.47 0.47 5.00
N VAL A 339 -16.66 -0.61 5.02
CA VAL A 339 -16.49 -1.52 3.88
C VAL A 339 -17.84 -2.18 3.56
N ASN A 340 -18.60 -2.62 4.59
CA ASN A 340 -19.90 -3.25 4.30
C ASN A 340 -20.86 -2.26 3.65
N ASP A 341 -20.88 -0.99 4.14
CA ASP A 341 -21.73 0.12 3.68
C ASP A 341 -21.36 0.48 2.24
N PHE A 342 -20.05 0.50 1.95
CA PHE A 342 -19.53 0.71 0.61
C PHE A 342 -20.11 -0.32 -0.39
N TRP A 343 -20.10 -1.62 -0.03
CA TRP A 343 -20.63 -2.66 -0.91
C TRP A 343 -22.14 -2.59 -1.04
N ARG A 344 -22.84 -2.21 0.04
CA ARG A 344 -24.27 -1.98 0.02
C ARG A 344 -24.58 -0.84 -0.97
N MET A 345 -23.75 0.22 -1.00
CA MET A 345 -23.94 1.34 -1.92
C MET A 345 -23.76 0.90 -3.38
N VAL A 346 -22.68 0.19 -3.65
CA VAL A 346 -22.33 -0.34 -4.99
C VAL A 346 -23.47 -1.22 -5.51
N PHE A 347 -23.98 -2.13 -4.66
CA PHE A 347 -25.08 -3.02 -5.04
C PHE A 347 -26.40 -2.26 -5.31
N GLN A 348 -26.82 -1.41 -4.38
CA GLN A 348 -28.05 -0.63 -4.46
C GLN A 348 -28.13 0.28 -5.73
N GLU A 349 -27.03 0.97 -6.03
CA GLU A 349 -26.93 1.92 -7.12
C GLU A 349 -26.67 1.28 -8.45
N ASN A 350 -26.41 -0.03 -8.45
CA ASN A 350 -26.17 -0.82 -9.66
C ASN A 350 -24.87 -0.38 -10.39
N SER A 351 -23.90 0.21 -9.64
CA SER A 351 -22.59 0.62 -10.17
C SER A 351 -21.80 -0.61 -10.63
N ARG A 352 -21.19 -0.51 -11.83
CA ARG A 352 -20.45 -1.60 -12.43
C ARG A 352 -18.97 -1.25 -12.56
N VAL A 353 -18.61 -0.01 -12.22
CA VAL A 353 -17.24 0.46 -12.38
C VAL A 353 -16.87 1.32 -11.18
N ILE A 354 -15.71 1.03 -10.61
CA ILE A 354 -15.15 1.79 -9.50
C ILE A 354 -13.83 2.31 -9.99
N VAL A 355 -13.56 3.57 -9.65
CA VAL A 355 -12.30 4.23 -9.92
C VAL A 355 -11.65 4.56 -8.59
N MET A 356 -10.49 4.01 -8.35
CA MET A 356 -9.75 4.30 -7.14
C MET A 356 -8.54 5.13 -7.55
N THR A 357 -8.37 6.32 -6.95
CA THR A 357 -7.28 7.22 -7.37
C THR A 357 -6.23 7.45 -6.29
N THR A 358 -6.11 6.50 -5.41
CA THR A 358 -5.12 6.57 -4.33
C THR A 358 -4.53 5.15 -4.17
N LYS A 359 -3.36 5.06 -3.51
CA LYS A 359 -2.79 3.77 -3.09
C LYS A 359 -3.46 3.53 -1.76
N GLU A 360 -3.42 2.31 -1.27
CA GLU A 360 -4.01 2.05 0.05
C GLU A 360 -3.33 2.88 1.13
N VAL A 361 -2.01 3.04 0.98
CA VAL A 361 -1.10 3.71 1.88
C VAL A 361 -0.25 4.69 1.11
N GLU A 362 -0.21 5.93 1.60
CA GLU A 362 0.63 7.00 1.08
C GLU A 362 1.24 7.72 2.27
N ARG A 363 2.58 7.92 2.23
CA ARG A 363 3.37 8.61 3.27
C ARG A 363 3.20 7.94 4.63
N GLY A 364 3.11 6.61 4.61
CA GLY A 364 2.90 5.78 5.80
C GLY A 364 1.55 5.99 6.44
N LYS A 365 0.59 6.63 5.72
CA LYS A 365 -0.76 6.85 6.26
C LYS A 365 -1.82 6.06 5.47
N SER A 366 -2.77 5.42 6.18
CA SER A 366 -3.81 4.65 5.50
C SER A 366 -4.78 5.62 4.80
N LYS A 367 -4.92 5.52 3.46
CA LYS A 367 -5.83 6.40 2.69
C LYS A 367 -7.16 5.69 2.37
N CYS A 368 -7.14 4.36 2.31
CA CYS A 368 -8.31 3.53 1.97
C CYS A 368 -8.00 2.13 2.40
N VAL A 369 -8.93 1.49 3.10
CA VAL A 369 -8.67 0.10 3.44
C VAL A 369 -8.86 -0.75 2.17
N LYS A 370 -8.25 -1.94 2.14
CA LYS A 370 -8.41 -2.88 1.03
C LYS A 370 -9.83 -3.45 1.23
N TYR A 371 -10.78 -3.01 0.42
CA TYR A 371 -12.19 -3.41 0.53
C TYR A 371 -12.55 -4.52 -0.43
N TRP A 372 -11.56 -5.00 -1.17
CA TRP A 372 -11.73 -6.08 -2.17
C TRP A 372 -10.90 -7.34 -1.78
N PRO A 373 -11.34 -8.56 -2.17
CA PRO A 373 -10.53 -9.76 -1.85
C PRO A 373 -9.24 -9.84 -2.67
N ASP A 374 -8.30 -10.69 -2.21
CA ASP A 374 -7.10 -11.00 -2.98
C ASP A 374 -7.56 -11.68 -4.29
N GLU A 375 -6.72 -11.67 -5.33
CA GLU A 375 -7.06 -12.34 -6.59
C GLU A 375 -7.41 -13.80 -6.34
N TYR A 376 -8.52 -14.27 -6.97
CA TYR A 376 -9.09 -15.64 -6.88
C TYR A 376 -9.85 -15.91 -5.55
N ALA A 377 -9.75 -15.00 -4.60
CA ALA A 377 -10.39 -15.17 -3.30
C ALA A 377 -11.83 -14.69 -3.32
N LEU A 378 -12.63 -15.25 -2.41
CA LEU A 378 -14.04 -14.93 -2.22
C LEU A 378 -14.19 -14.44 -0.77
N LYS A 379 -14.94 -13.35 -0.55
CA LYS A 379 -15.16 -12.79 0.77
C LYS A 379 -16.60 -12.31 0.93
N GLU A 380 -17.10 -12.32 2.17
CA GLU A 380 -18.39 -11.78 2.53
C GLU A 380 -18.11 -10.54 3.39
N TYR A 381 -18.76 -9.43 3.06
CA TYR A 381 -18.69 -8.14 3.71
C TYR A 381 -20.12 -7.86 4.09
N GLY A 382 -20.52 -8.31 5.27
CA GLY A 382 -21.89 -8.25 5.71
C GLY A 382 -22.73 -9.15 4.82
N VAL A 383 -23.85 -8.63 4.28
CA VAL A 383 -24.77 -9.38 3.41
C VAL A 383 -24.31 -9.47 1.94
N MET A 384 -23.17 -8.83 1.63
CA MET A 384 -22.65 -8.79 0.26
C MET A 384 -21.47 -9.74 0.14
N ARG A 385 -21.38 -10.42 -0.98
CA ARG A 385 -20.33 -11.37 -1.28
C ARG A 385 -19.55 -10.86 -2.51
N VAL A 386 -18.23 -10.83 -2.41
CA VAL A 386 -17.41 -10.40 -3.50
C VAL A 386 -16.33 -11.43 -3.82
N ARG A 387 -16.18 -11.76 -5.11
CA ARG A 387 -15.15 -12.62 -5.66
C ARG A 387 -14.24 -11.78 -6.53
N ASN A 388 -12.93 -11.92 -6.37
CA ASN A 388 -12.00 -11.21 -7.24
C ASN A 388 -11.61 -12.26 -8.26
N VAL A 389 -12.18 -12.14 -9.46
CA VAL A 389 -12.01 -13.11 -10.56
C VAL A 389 -10.62 -13.06 -11.16
N LYS A 390 -10.09 -11.86 -11.43
CA LYS A 390 -8.82 -11.68 -12.11
C LYS A 390 -8.33 -10.26 -11.90
N GLU A 391 -7.00 -10.09 -11.78
CA GLU A 391 -6.35 -8.76 -11.71
C GLU A 391 -5.44 -8.60 -12.94
N SER A 392 -5.52 -7.48 -13.64
CA SER A 392 -4.66 -7.23 -14.80
C SER A 392 -3.86 -5.98 -14.49
N ALA A 393 -2.53 -6.05 -14.59
CA ALA A 393 -1.68 -4.89 -14.28
C ALA A 393 -1.25 -4.16 -15.53
N ALA A 394 -1.52 -2.84 -15.62
CA ALA A 394 -1.09 -1.93 -16.71
C ALA A 394 -0.01 -1.00 -16.09
N HIS A 395 0.61 -0.14 -16.89
CA HIS A 395 1.70 0.73 -16.41
C HIS A 395 1.28 1.66 -15.25
N ASP A 396 0.17 2.40 -15.40
CA ASP A 396 -0.34 3.36 -14.41
C ASP A 396 -1.42 2.87 -13.46
N TYR A 397 -2.02 1.71 -13.78
CA TYR A 397 -3.15 1.19 -13.03
C TYR A 397 -3.26 -0.32 -13.00
N THR A 398 -4.12 -0.82 -12.09
CA THR A 398 -4.46 -2.24 -12.01
C THR A 398 -5.96 -2.35 -12.19
N LEU A 399 -6.42 -3.32 -12.98
CA LEU A 399 -7.83 -3.58 -13.16
C LEU A 399 -8.13 -4.85 -12.41
N ARG A 400 -9.16 -4.84 -11.55
CA ARG A 400 -9.61 -6.01 -10.81
C ARG A 400 -11.04 -6.33 -11.26
N GLU A 401 -11.27 -7.56 -11.72
CA GLU A 401 -12.60 -7.99 -12.16
C GLU A 401 -13.27 -8.61 -10.96
N LEU A 402 -14.25 -7.91 -10.40
CA LEU A 402 -14.94 -8.39 -9.22
C LEU A 402 -16.35 -8.89 -9.53
N LYS A 403 -16.83 -9.89 -8.76
CA LYS A 403 -18.20 -10.42 -8.86
C LYS A 403 -18.86 -10.12 -7.53
N LEU A 404 -19.88 -9.27 -7.56
CA LEU A 404 -20.66 -8.82 -6.42
C LEU A 404 -22.04 -9.44 -6.48
N SER A 405 -22.49 -9.97 -5.37
CA SER A 405 -23.83 -10.54 -5.26
C SER A 405 -24.28 -10.42 -3.81
N LYS A 406 -25.57 -10.57 -3.56
CA LYS A 406 -26.10 -10.53 -2.21
C LYS A 406 -26.15 -11.99 -1.68
N VAL A 407 -25.68 -12.22 -0.47
CA VAL A 407 -25.71 -13.55 0.18
C VAL A 407 -27.15 -14.10 0.13
N GLY A 408 -27.29 -15.39 -0.19
CA GLY A 408 -28.59 -16.05 -0.30
C GLY A 408 -29.39 -15.75 -1.54
N GLN A 409 -28.82 -15.02 -2.52
CA GLN A 409 -29.52 -14.66 -3.75
C GLN A 409 -28.59 -14.68 -4.96
N GLY A 410 -28.43 -15.86 -5.55
CA GLY A 410 -27.55 -16.09 -6.69
C GLY A 410 -27.79 -15.17 -7.88
N ASN A 411 -29.06 -15.07 -8.30
CA ASN A 411 -29.50 -14.26 -9.46
C ASN A 411 -29.20 -12.73 -9.35
N THR A 412 -28.52 -12.30 -8.27
CA THR A 412 -28.19 -10.89 -8.06
C THR A 412 -26.76 -10.56 -8.46
N GLU A 413 -26.02 -11.56 -8.94
CA GLU A 413 -24.62 -11.37 -9.32
C GLU A 413 -24.44 -10.44 -10.54
N ARG A 414 -23.42 -9.54 -10.47
CA ARG A 414 -23.01 -8.64 -11.53
C ARG A 414 -21.53 -8.43 -11.39
N THR A 415 -20.87 -8.19 -12.51
CA THR A 415 -19.44 -7.89 -12.53
C THR A 415 -19.26 -6.43 -12.18
N VAL A 416 -18.27 -6.15 -11.33
CA VAL A 416 -17.85 -4.79 -10.94
C VAL A 416 -16.36 -4.67 -11.31
N TRP A 417 -16.04 -3.73 -12.19
CA TRP A 417 -14.69 -3.53 -12.67
C TRP A 417 -14.02 -2.47 -11.81
N GLN A 418 -12.91 -2.82 -11.21
CA GLN A 418 -12.24 -1.87 -10.35
C GLN A 418 -10.97 -1.36 -10.99
N TYR A 419 -10.96 -0.08 -11.36
CA TYR A 419 -9.80 0.57 -11.96
C TYR A 419 -9.05 1.28 -10.86
N HIS A 420 -7.89 0.74 -10.54
CA HIS A 420 -7.08 1.29 -9.49
C HIS A 420 -5.89 2.06 -10.04
N PHE A 421 -5.97 3.39 -10.09
CA PHE A 421 -4.87 4.23 -10.56
C PHE A 421 -3.83 4.27 -9.46
N ARG A 422 -2.62 3.78 -9.76
CA ARG A 422 -1.57 3.65 -8.74
C ARG A 422 -0.43 4.66 -8.79
N THR A 423 -0.30 5.47 -9.86
CA THR A 423 0.89 6.31 -10.03
C THR A 423 0.72 7.80 -9.75
N TRP A 424 -0.46 8.25 -9.30
CA TRP A 424 -0.64 9.65 -8.98
C TRP A 424 0.39 10.05 -7.87
N PRO A 425 1.14 11.18 -8.00
CA PRO A 425 2.14 11.54 -6.95
C PRO A 425 1.52 11.76 -5.57
N ASP A 426 2.31 11.63 -4.48
CA ASP A 426 1.83 11.82 -3.11
C ASP A 426 1.28 13.23 -2.88
N HIS A 427 1.90 14.26 -3.52
CA HIS A 427 1.52 15.67 -3.49
C HIS A 427 1.49 16.19 -4.92
N GLY A 428 0.68 17.19 -5.16
CA GLY A 428 0.56 17.79 -6.48
C GLY A 428 -0.13 16.89 -7.48
N VAL A 429 0.18 17.09 -8.75
CA VAL A 429 -0.47 16.42 -9.87
C VAL A 429 0.57 15.83 -10.82
N PRO A 430 0.19 14.84 -11.67
CA PRO A 430 1.15 14.36 -12.69
C PRO A 430 1.63 15.49 -13.61
N SER A 431 2.89 15.41 -14.03
CA SER A 431 3.49 16.40 -14.94
C SER A 431 2.95 16.27 -16.38
N ASP A 432 2.39 15.09 -16.76
CA ASP A 432 1.80 14.83 -18.09
C ASP A 432 0.42 14.16 -17.90
N PRO A 433 -0.66 14.60 -18.61
CA PRO A 433 -1.98 13.99 -18.38
C PRO A 433 -2.32 12.75 -19.22
N GLY A 434 -1.40 12.34 -20.10
CA GLY A 434 -1.59 11.17 -20.96
C GLY A 434 -2.03 9.92 -20.22
N GLY A 435 -1.36 9.64 -19.09
CA GLY A 435 -1.66 8.50 -18.22
C GLY A 435 -3.09 8.48 -17.73
N VAL A 436 -3.53 9.63 -17.14
CA VAL A 436 -4.87 9.89 -16.60
C VAL A 436 -5.90 9.75 -17.72
N LEU A 437 -5.63 10.37 -18.90
CA LEU A 437 -6.51 10.31 -20.06
C LEU A 437 -6.69 8.90 -20.60
N ASP A 438 -5.58 8.16 -20.76
CA ASP A 438 -5.64 6.76 -21.24
C ASP A 438 -6.53 5.90 -20.31
N PHE A 439 -6.36 6.08 -18.98
CA PHE A 439 -7.12 5.42 -17.91
C PHE A 439 -8.62 5.76 -17.99
N LEU A 440 -8.92 7.07 -18.07
CA LEU A 440 -10.29 7.58 -18.18
C LEU A 440 -10.95 7.10 -19.45
N GLU A 441 -10.18 7.02 -20.56
CA GLU A 441 -10.72 6.50 -21.81
C GLU A 441 -11.21 5.05 -21.59
N GLU A 442 -10.36 4.21 -20.99
CA GLU A 442 -10.65 2.80 -20.67
C GLU A 442 -11.88 2.63 -19.75
N VAL A 443 -11.98 3.49 -18.71
CA VAL A 443 -13.07 3.50 -17.76
C VAL A 443 -14.37 3.83 -18.50
N HIS A 444 -14.31 4.86 -19.35
CA HIS A 444 -15.44 5.32 -20.12
C HIS A 444 -15.98 4.19 -21.04
N HIS A 445 -15.09 3.49 -21.75
CA HIS A 445 -15.48 2.39 -22.64
C HIS A 445 -16.04 1.21 -21.88
N LYS A 446 -15.43 0.85 -20.72
CA LYS A 446 -16.01 -0.23 -19.91
C LYS A 446 -17.44 0.14 -19.53
N GLN A 447 -17.63 1.34 -18.94
CA GLN A 447 -18.96 1.82 -18.53
C GLN A 447 -19.99 1.82 -19.69
N GLU A 448 -19.59 2.40 -20.85
CA GLU A 448 -20.40 2.45 -22.06
C GLU A 448 -20.85 1.06 -22.56
N SER A 449 -20.00 0.03 -22.39
CA SER A 449 -20.27 -1.34 -22.82
C SER A 449 -21.31 -2.10 -21.96
N ILE A 450 -21.60 -1.62 -20.75
CA ILE A 450 -22.50 -2.33 -19.83
C ILE A 450 -23.90 -1.71 -19.84
N MET A 451 -24.90 -2.46 -20.33
CA MET A 451 -26.30 -2.03 -20.42
C MET A 451 -26.86 -1.73 -19.04
N ASP A 452 -27.45 -0.54 -18.88
CA ASP A 452 -28.09 -0.04 -17.65
C ASP A 452 -27.15 -0.02 -16.40
N ALA A 453 -25.87 0.26 -16.60
CA ALA A 453 -24.93 0.39 -15.49
C ALA A 453 -25.33 1.63 -14.66
N GLY A 454 -25.23 1.55 -13.35
CA GLY A 454 -25.48 2.68 -12.47
C GLY A 454 -24.32 3.67 -12.52
N PRO A 455 -24.25 4.63 -11.58
CA PRO A 455 -23.15 5.61 -11.59
C PRO A 455 -21.79 4.99 -11.45
N VAL A 456 -20.75 5.65 -12.00
CA VAL A 456 -19.35 5.24 -11.82
C VAL A 456 -18.96 5.70 -10.42
N VAL A 457 -18.45 4.79 -9.55
CA VAL A 457 -18.00 5.17 -8.22
C VAL A 457 -16.56 5.68 -8.32
N VAL A 458 -16.26 6.84 -7.73
CA VAL A 458 -14.92 7.43 -7.78
C VAL A 458 -14.51 7.77 -6.35
N HIS A 459 -13.32 7.33 -5.94
CA HIS A 459 -12.84 7.64 -4.60
C HIS A 459 -11.34 7.83 -4.54
N CYS A 460 -10.88 8.64 -3.59
CA CYS A 460 -9.48 8.80 -3.25
C CYS A 460 -9.41 8.64 -1.71
N SER A 461 -8.89 9.61 -0.96
CA SER A 461 -8.83 9.55 0.52
C SER A 461 -10.13 10.23 1.08
N ALA A 462 -10.23 11.58 0.94
CA ALA A 462 -11.39 12.38 1.37
C ALA A 462 -12.51 12.39 0.30
N GLY A 463 -12.18 12.01 -0.92
CA GLY A 463 -13.13 11.92 -2.00
C GLY A 463 -13.53 13.27 -2.58
N ILE A 464 -12.61 14.25 -2.51
CA ILE A 464 -12.95 15.56 -3.06
C ILE A 464 -11.92 16.11 -4.01
N GLY A 465 -10.62 15.88 -3.77
CA GLY A 465 -9.58 16.50 -4.59
C GLY A 465 -9.30 15.76 -5.88
N ARG A 466 -8.62 14.62 -5.76
CA ARG A 466 -8.33 13.77 -6.92
C ARG A 466 -9.66 13.25 -7.45
N THR A 467 -10.63 12.93 -6.56
CA THR A 467 -11.97 12.46 -7.01
C THR A 467 -12.63 13.55 -7.89
N GLY A 468 -12.65 14.79 -7.40
CA GLY A 468 -13.24 15.90 -8.13
C GLY A 468 -12.55 16.16 -9.46
N THR A 469 -11.21 16.05 -9.48
CA THR A 469 -10.35 16.25 -10.65
C THR A 469 -10.66 15.22 -11.74
N PHE A 470 -10.66 13.92 -11.40
CA PHE A 470 -10.97 12.85 -12.38
C PHE A 470 -12.41 13.02 -12.92
N ILE A 471 -13.38 13.33 -12.04
CA ILE A 471 -14.81 13.53 -12.41
C ILE A 471 -14.99 14.71 -13.36
N VAL A 472 -14.35 15.88 -13.08
CA VAL A 472 -14.47 17.07 -13.93
C VAL A 472 -13.84 16.83 -15.32
N ILE A 473 -12.62 16.20 -15.37
CA ILE A 473 -11.96 15.85 -16.63
C ILE A 473 -12.91 14.95 -17.42
N ASP A 474 -13.48 13.93 -16.76
CA ASP A 474 -14.42 13.01 -17.42
C ASP A 474 -15.66 13.71 -17.94
N ILE A 475 -16.21 14.68 -17.20
CA ILE A 475 -17.41 15.41 -17.66
C ILE A 475 -17.11 16.21 -18.96
N LEU A 476 -16.01 16.97 -18.94
CA LEU A 476 -15.55 17.85 -20.02
C LEU A 476 -15.21 17.09 -21.26
N ILE A 477 -14.51 15.96 -21.09
CA ILE A 477 -14.15 15.09 -22.18
C ILE A 477 -15.39 14.44 -22.77
N ASP A 478 -16.40 14.14 -21.93
CA ASP A 478 -17.65 13.55 -22.44
C ASP A 478 -18.39 14.46 -23.44
N ILE A 479 -18.33 15.80 -23.23
CA ILE A 479 -18.96 16.80 -24.12
C ILE A 479 -18.25 16.75 -25.49
N ILE A 480 -16.91 16.68 -25.49
CA ILE A 480 -16.08 16.60 -26.69
C ILE A 480 -16.34 15.27 -27.44
N ARG A 481 -16.81 14.23 -26.72
CA ARG A 481 -17.18 12.92 -27.30
C ARG A 481 -18.50 13.06 -28.03
N GLU A 482 -19.52 13.59 -27.33
CA GLU A 482 -20.88 13.78 -27.83
C GLU A 482 -20.95 14.86 -28.92
N LYS A 483 -20.84 16.15 -28.53
CA LYS A 483 -20.94 17.35 -29.38
C LYS A 483 -19.75 17.61 -30.34
N GLY A 484 -18.66 16.85 -30.24
CA GLY A 484 -17.48 17.03 -31.11
C GLY A 484 -16.57 18.18 -30.70
N VAL A 485 -15.43 18.38 -31.42
CA VAL A 485 -14.45 19.45 -31.13
C VAL A 485 -15.06 20.88 -31.27
N ASP A 486 -16.15 21.05 -32.05
CA ASP A 486 -16.84 22.33 -32.17
C ASP A 486 -17.98 22.32 -31.17
N CYS A 487 -17.60 22.45 -29.89
CA CYS A 487 -18.52 22.52 -28.76
C CYS A 487 -17.95 23.55 -27.79
N ASP A 488 -18.81 24.08 -26.93
CA ASP A 488 -18.41 25.04 -25.91
C ASP A 488 -18.09 24.32 -24.61
N ILE A 489 -16.97 24.67 -23.99
CA ILE A 489 -16.61 24.18 -22.65
C ILE A 489 -16.33 25.40 -21.75
N ASP A 490 -16.80 25.31 -20.52
CA ASP A 490 -16.63 26.31 -19.46
C ASP A 490 -16.15 25.55 -18.21
N VAL A 491 -14.81 25.50 -18.00
CA VAL A 491 -14.15 24.76 -16.90
C VAL A 491 -14.68 25.19 -15.50
N PRO A 492 -14.63 26.50 -15.11
CA PRO A 492 -15.14 26.88 -13.78
C PRO A 492 -16.65 26.66 -13.65
N LYS A 493 -17.43 26.81 -14.75
CA LYS A 493 -18.87 26.51 -14.67
C LYS A 493 -19.07 25.04 -14.30
N THR A 494 -18.38 24.14 -14.98
CA THR A 494 -18.51 22.69 -14.72
C THR A 494 -18.14 22.39 -13.29
N ILE A 495 -17.02 22.96 -12.81
CA ILE A 495 -16.53 22.76 -11.45
C ILE A 495 -17.53 23.28 -10.41
N GLN A 496 -18.07 24.50 -10.62
CA GLN A 496 -19.05 25.07 -9.67
C GLN A 496 -20.27 24.15 -9.53
N MET A 497 -20.72 23.62 -10.66
CA MET A 497 -21.84 22.68 -10.76
C MET A 497 -21.56 21.37 -9.93
N VAL A 498 -20.32 20.84 -10.01
CA VAL A 498 -19.92 19.62 -9.30
C VAL A 498 -19.78 19.89 -7.77
N ARG A 499 -19.24 21.06 -7.42
CA ARG A 499 -19.09 21.53 -6.04
C ARG A 499 -20.42 21.80 -5.32
N SER A 500 -21.50 22.04 -6.05
CA SER A 500 -22.81 22.22 -5.40
C SER A 500 -23.40 20.82 -5.01
N GLN A 501 -22.73 19.73 -5.46
CA GLN A 501 -23.15 18.34 -5.23
C GLN A 501 -22.27 17.61 -4.18
N ARG A 502 -21.03 18.08 -3.98
CA ARG A 502 -20.13 17.58 -2.95
C ARG A 502 -19.13 18.70 -2.65
N SER A 503 -18.87 18.96 -1.38
CA SER A 503 -17.97 20.03 -0.94
C SER A 503 -16.58 19.94 -1.51
N GLY A 504 -16.03 21.08 -1.89
CA GLY A 504 -14.65 21.20 -2.35
C GLY A 504 -14.17 20.30 -3.48
N MET A 505 -15.07 19.87 -4.38
CA MET A 505 -14.67 19.05 -5.52
C MET A 505 -13.66 19.87 -6.33
N VAL A 506 -12.41 19.33 -6.53
CA VAL A 506 -11.26 20.03 -7.15
C VAL A 506 -10.74 20.96 -6.05
N GLN A 507 -9.63 20.57 -5.44
CA GLN A 507 -9.03 21.24 -4.28
C GLN A 507 -8.04 22.33 -4.55
N THR A 508 -7.19 22.15 -5.56
CA THR A 508 -6.10 23.11 -5.73
C THR A 508 -6.03 23.72 -7.12
N GLU A 509 -5.16 24.74 -7.25
CA GLU A 509 -4.87 25.46 -8.47
C GLU A 509 -4.08 24.52 -9.38
N ALA A 510 -3.24 23.63 -8.78
CA ALA A 510 -2.46 22.66 -9.56
C ALA A 510 -3.41 21.67 -10.28
N GLN A 511 -4.47 21.22 -9.58
CA GLN A 511 -5.51 20.36 -10.18
C GLN A 511 -6.31 21.13 -11.26
N TYR A 512 -6.65 22.42 -11.01
CA TYR A 512 -7.37 23.29 -11.94
C TYR A 512 -6.64 23.37 -13.28
N ARG A 513 -5.34 23.66 -13.24
CA ARG A 513 -4.45 23.73 -14.38
C ARG A 513 -4.34 22.34 -15.04
N PHE A 514 -4.31 21.27 -14.22
CA PHE A 514 -4.22 19.90 -14.74
C PHE A 514 -5.46 19.54 -15.59
N ILE A 515 -6.64 20.02 -15.17
CA ILE A 515 -7.91 19.82 -15.91
C ILE A 515 -7.78 20.50 -17.31
N TYR A 516 -7.25 21.73 -17.35
CA TYR A 516 -7.06 22.45 -18.63
C TYR A 516 -6.08 21.72 -19.52
N MET A 517 -4.97 21.18 -18.92
CA MET A 517 -3.94 20.42 -19.63
C MET A 517 -4.49 19.10 -20.13
N ALA A 518 -5.38 18.45 -19.35
CA ALA A 518 -5.95 17.16 -19.74
C ALA A 518 -6.90 17.33 -20.91
N VAL A 519 -7.77 18.35 -20.86
CA VAL A 519 -8.70 18.67 -21.93
C VAL A 519 -7.92 19.08 -23.21
N GLN A 520 -6.84 19.87 -23.06
CA GLN A 520 -5.97 20.28 -24.17
C GLN A 520 -5.37 19.08 -24.90
N HIS A 521 -4.83 18.11 -24.13
CA HIS A 521 -4.19 16.89 -24.60
C HIS A 521 -5.20 15.98 -25.29
N TYR A 522 -6.45 15.93 -24.79
CA TYR A 522 -7.48 15.10 -25.40
C TYR A 522 -7.87 15.64 -26.81
N ILE A 523 -7.91 16.96 -26.97
CA ILE A 523 -8.28 17.62 -28.23
C ILE A 523 -7.14 17.48 -29.26
N GLU A 524 -5.87 17.66 -28.80
CA GLU A 524 -4.64 17.52 -29.61
C GLU A 524 -4.44 16.10 -30.17
N THR A 525 -4.97 15.06 -29.50
CA THR A 525 -4.83 13.66 -29.93
C THR A 525 -6.08 13.17 -30.70
N LEU A 526 -7.01 14.09 -30.99
CA LEU A 526 -8.22 13.79 -31.75
C LEU A 526 -7.92 13.85 -33.26
N ARG B 5 17.08 -38.03 3.73
CA ARG B 5 15.68 -37.60 3.78
C ARG B 5 14.79 -38.42 2.83
N ARG B 6 15.15 -39.69 2.59
CA ARG B 6 14.43 -40.56 1.64
C ARG B 6 12.96 -40.84 2.01
N TRP B 7 12.58 -40.70 3.30
CA TRP B 7 11.23 -40.95 3.83
C TRP B 7 10.18 -39.93 3.32
N PHE B 8 10.60 -38.77 2.78
CA PHE B 8 9.65 -37.80 2.23
C PHE B 8 9.29 -38.13 0.77
N HIS B 9 8.00 -38.34 0.47
CA HIS B 9 7.56 -38.64 -0.90
C HIS B 9 6.82 -37.42 -1.48
N PRO B 10 7.46 -36.63 -2.36
CA PRO B 10 6.81 -35.41 -2.88
C PRO B 10 5.51 -35.58 -3.69
N ASN B 11 5.33 -36.72 -4.39
CA ASN B 11 4.23 -36.89 -5.32
C ASN B 11 3.25 -38.04 -5.04
N ILE B 12 3.23 -38.55 -3.83
CA ILE B 12 2.34 -39.64 -3.48
C ILE B 12 1.03 -39.13 -2.85
N THR B 13 -0.07 -39.87 -3.10
CA THR B 13 -1.40 -39.61 -2.55
C THR B 13 -1.54 -40.48 -1.30
N GLY B 14 -2.61 -40.28 -0.56
CA GLY B 14 -2.90 -41.05 0.66
C GLY B 14 -3.07 -42.53 0.38
N VAL B 15 -3.83 -42.86 -0.68
CA VAL B 15 -4.08 -44.25 -1.07
C VAL B 15 -2.76 -44.90 -1.56
N GLU B 16 -1.97 -44.16 -2.38
CA GLU B 16 -0.65 -44.61 -2.86
C GLU B 16 0.33 -44.87 -1.67
N ALA B 17 0.31 -44.00 -0.65
CA ALA B 17 1.13 -44.15 0.55
C ALA B 17 0.70 -45.38 1.35
N GLU B 18 -0.63 -45.51 1.58
CA GLU B 18 -1.30 -46.60 2.28
C GLU B 18 -0.90 -47.96 1.69
N ASN B 19 -1.03 -48.10 0.35
CA ASN B 19 -0.68 -49.31 -0.39
C ASN B 19 0.82 -49.60 -0.35
N LEU B 20 1.65 -48.55 -0.50
CA LEU B 20 3.11 -48.65 -0.45
C LEU B 20 3.58 -49.19 0.90
N LEU B 21 3.00 -48.68 2.02
CA LEU B 21 3.34 -49.13 3.37
C LEU B 21 2.87 -50.57 3.64
N LEU B 22 1.71 -50.98 3.07
CA LEU B 22 1.15 -52.32 3.25
C LEU B 22 1.83 -53.37 2.36
N THR B 23 2.37 -52.97 1.20
CA THR B 23 3.01 -53.93 0.30
C THR B 23 4.54 -53.98 0.42
N ARG B 24 5.19 -52.82 0.69
CA ARG B 24 6.65 -52.69 0.77
C ARG B 24 7.19 -52.41 2.17
N GLY B 25 6.31 -52.17 3.12
CA GLY B 25 6.73 -51.89 4.49
C GLY B 25 6.25 -52.93 5.49
N VAL B 26 6.59 -52.68 6.76
CA VAL B 26 6.25 -53.53 7.88
C VAL B 26 5.74 -52.63 9.01
N ASP B 27 5.43 -53.21 10.17
CA ASP B 27 4.98 -52.45 11.33
C ASP B 27 6.14 -51.62 11.82
N GLY B 28 5.91 -50.30 11.93
CA GLY B 28 6.94 -49.33 12.28
C GLY B 28 7.43 -48.58 11.04
N SER B 29 7.01 -49.04 9.84
CA SER B 29 7.36 -48.37 8.60
C SER B 29 6.62 -47.04 8.48
N PHE B 30 7.31 -45.99 7.97
CA PHE B 30 6.68 -44.68 7.88
C PHE B 30 7.19 -43.88 6.70
N LEU B 31 6.43 -42.86 6.33
CA LEU B 31 6.80 -41.89 5.33
C LEU B 31 6.05 -40.59 5.63
N ALA B 32 6.53 -39.48 5.07
CA ALA B 32 5.90 -38.18 5.18
C ALA B 32 5.67 -37.71 3.75
N ARG B 33 4.60 -36.94 3.50
CA ARG B 33 4.26 -36.50 2.14
C ARG B 33 3.46 -35.18 2.20
N PRO B 34 3.26 -34.44 1.10
CA PRO B 34 2.40 -33.25 1.20
C PRO B 34 0.93 -33.67 1.36
N SER B 35 0.14 -32.87 2.08
CA SER B 35 -1.29 -33.15 2.21
C SER B 35 -1.96 -32.80 0.87
N LYS B 36 -2.83 -33.69 0.37
CA LYS B 36 -3.55 -33.48 -0.88
C LYS B 36 -4.86 -32.75 -0.60
N SER B 37 -5.46 -33.02 0.57
CA SER B 37 -6.72 -32.39 0.97
C SER B 37 -6.55 -30.93 1.39
N ASN B 38 -5.39 -30.56 1.99
CA ASN B 38 -5.09 -29.20 2.44
C ASN B 38 -3.70 -28.80 2.00
N PRO B 39 -3.52 -28.30 0.76
CA PRO B 39 -2.16 -27.94 0.31
C PRO B 39 -1.48 -26.93 1.23
N GLY B 40 -0.19 -27.19 1.48
CA GLY B 40 0.62 -26.43 2.44
C GLY B 40 0.82 -27.25 3.71
N ASP B 41 -0.07 -28.24 3.93
CA ASP B 41 0.04 -29.12 5.08
C ASP B 41 0.77 -30.39 4.66
N PHE B 42 1.12 -31.23 5.64
CA PHE B 42 1.84 -32.47 5.36
C PHE B 42 1.19 -33.57 6.14
N THR B 43 1.50 -34.80 5.78
CA THR B 43 0.96 -35.95 6.49
C THR B 43 2.09 -36.92 6.80
N LEU B 44 2.07 -37.46 8.00
CA LEU B 44 2.97 -38.49 8.43
C LEU B 44 2.14 -39.78 8.34
N SER B 45 2.46 -40.69 7.39
CA SER B 45 1.72 -41.95 7.22
C SER B 45 2.57 -43.07 7.82
N VAL B 46 2.03 -43.76 8.86
CA VAL B 46 2.73 -44.78 9.65
C VAL B 46 1.98 -46.13 9.66
N ARG B 47 2.72 -47.24 9.48
CA ARG B 47 2.14 -48.56 9.57
C ARG B 47 2.28 -49.11 10.99
N ARG B 48 1.15 -49.45 11.61
CA ARG B 48 1.09 -50.08 12.93
C ARG B 48 -0.04 -51.14 12.90
N ASN B 49 0.24 -52.33 13.48
CA ASN B 49 -0.67 -53.49 13.55
C ASN B 49 -1.37 -53.82 12.22
N GLY B 50 -0.59 -53.89 11.13
CA GLY B 50 -1.07 -54.20 9.79
C GLY B 50 -2.02 -53.19 9.18
N ALA B 51 -2.08 -51.99 9.77
CA ALA B 51 -2.93 -50.90 9.31
C ALA B 51 -2.12 -49.59 9.18
N VAL B 52 -2.60 -48.70 8.30
CA VAL B 52 -1.96 -47.42 8.04
C VAL B 52 -2.78 -46.29 8.66
N THR B 53 -2.09 -45.43 9.43
CA THR B 53 -2.65 -44.23 10.06
C THR B 53 -1.98 -43.01 9.42
N HIS B 54 -2.76 -41.93 9.27
CA HIS B 54 -2.33 -40.68 8.67
C HIS B 54 -2.44 -39.57 9.72
N ILE B 55 -1.30 -39.00 10.09
CA ILE B 55 -1.21 -37.94 11.10
C ILE B 55 -0.93 -36.61 10.41
N LYS B 56 -1.81 -35.63 10.64
CA LYS B 56 -1.69 -34.32 10.02
C LYS B 56 -0.56 -33.46 10.62
N ILE B 57 0.19 -32.77 9.76
CA ILE B 57 1.25 -31.82 10.14
C ILE B 57 0.87 -30.52 9.51
N GLN B 58 0.52 -29.54 10.33
CA GLN B 58 0.15 -28.24 9.79
C GLN B 58 1.31 -27.29 9.84
N ASN B 59 1.37 -26.40 8.83
CA ASN B 59 2.31 -25.31 8.78
C ASN B 59 1.67 -24.09 8.17
N THR B 60 1.22 -23.21 9.03
CA THR B 60 0.63 -21.94 8.60
C THR B 60 1.71 -20.87 8.40
N GLY B 61 2.95 -21.15 8.82
CA GLY B 61 4.07 -20.20 8.65
C GLY B 61 5.04 -20.07 9.80
N ASP B 62 4.68 -20.60 10.96
CA ASP B 62 5.49 -20.44 12.18
C ASP B 62 6.35 -21.64 12.58
N TYR B 63 5.84 -22.88 12.35
CA TYR B 63 6.45 -24.16 12.72
C TYR B 63 5.59 -25.32 12.17
N TYR B 64 6.13 -26.56 12.22
CA TYR B 64 5.43 -27.78 11.84
C TYR B 64 4.72 -28.30 13.08
N ASP B 65 3.39 -28.31 13.03
CA ASP B 65 2.58 -28.71 14.16
C ASP B 65 1.97 -30.08 13.92
N LEU B 66 2.56 -31.09 14.58
CA LEU B 66 2.15 -32.48 14.48
C LEU B 66 1.00 -32.73 15.43
N TYR B 67 -0.17 -33.14 14.87
CA TYR B 67 -1.41 -33.39 15.63
C TYR B 67 -1.21 -34.55 16.61
N GLY B 68 -1.41 -34.27 17.90
CA GLY B 68 -1.20 -35.24 18.96
C GLY B 68 0.25 -35.35 19.39
N GLY B 69 1.10 -34.54 18.76
CA GLY B 69 2.53 -34.48 19.01
C GLY B 69 2.98 -33.08 19.30
N GLU B 70 4.24 -32.78 19.00
CA GLU B 70 4.82 -31.48 19.30
C GLU B 70 5.05 -30.60 18.06
N LYS B 71 5.56 -29.38 18.30
CA LYS B 71 5.86 -28.38 17.27
C LYS B 71 7.34 -28.43 16.95
N PHE B 72 7.69 -28.42 15.67
CA PHE B 72 9.07 -28.57 15.21
C PHE B 72 9.46 -27.56 14.18
N ALA B 73 10.78 -27.30 14.08
CA ALA B 73 11.38 -26.38 13.13
C ALA B 73 11.47 -26.92 11.68
N THR B 74 11.69 -28.23 11.48
CA THR B 74 11.78 -28.88 10.14
C THR B 74 11.15 -30.29 10.21
N LEU B 75 10.79 -30.88 9.06
CA LEU B 75 10.26 -32.28 9.08
C LEU B 75 11.40 -33.27 9.43
N ALA B 76 12.64 -32.93 9.05
CA ALA B 76 13.84 -33.73 9.36
C ALA B 76 14.10 -33.73 10.85
N GLU B 77 13.86 -32.60 11.56
CA GLU B 77 14.06 -32.54 13.03
C GLU B 77 12.96 -33.31 13.73
N LEU B 78 11.75 -33.23 13.18
CA LEU B 78 10.57 -33.97 13.67
C LEU B 78 10.88 -35.49 13.60
N VAL B 79 11.36 -35.98 12.44
CA VAL B 79 11.68 -37.39 12.23
C VAL B 79 12.87 -37.79 13.07
N GLN B 80 13.92 -36.93 13.14
CA GLN B 80 15.09 -37.23 13.97
C GLN B 80 14.65 -37.46 15.42
N TYR B 81 13.78 -36.56 15.93
CA TYR B 81 13.28 -36.60 17.30
C TYR B 81 12.44 -37.85 17.60
N TYR B 82 11.41 -38.12 16.80
CA TYR B 82 10.56 -39.26 17.10
C TYR B 82 11.23 -40.64 16.88
N MET B 83 12.15 -40.76 15.91
CA MET B 83 12.85 -42.02 15.71
C MET B 83 13.76 -42.33 16.93
N GLU B 84 14.29 -41.28 17.56
CA GLU B 84 15.17 -41.40 18.70
C GLU B 84 14.42 -41.55 20.03
N HIS B 85 13.34 -40.77 20.22
CA HIS B 85 12.58 -40.73 21.46
C HIS B 85 11.26 -41.48 21.34
N HIS B 86 11.35 -42.81 21.44
CA HIS B 86 10.21 -43.71 21.37
C HIS B 86 9.36 -43.57 22.64
N GLY B 87 8.04 -43.65 22.46
CA GLY B 87 7.07 -43.45 23.53
C GLY B 87 6.57 -42.02 23.62
N GLN B 88 7.20 -41.08 22.88
CA GLN B 88 6.86 -39.67 22.89
C GLN B 88 5.74 -39.28 21.92
N LEU B 89 5.45 -40.11 20.89
CA LEU B 89 4.38 -39.78 19.95
C LEU B 89 3.07 -40.51 20.30
N ASP B 95 -2.57 -43.82 22.26
CA ASP B 95 -1.71 -45.01 22.16
C ASP B 95 -0.40 -44.67 21.48
N VAL B 96 0.69 -45.42 21.82
CA VAL B 96 2.01 -45.21 21.25
C VAL B 96 2.07 -45.62 19.76
N ILE B 97 2.72 -44.76 18.98
CA ILE B 97 2.93 -44.91 17.56
C ILE B 97 4.42 -44.73 17.31
N GLU B 98 5.05 -45.77 16.74
CA GLU B 98 6.50 -45.82 16.54
C GLU B 98 6.97 -45.61 15.11
N LEU B 99 8.05 -44.80 14.96
CA LEU B 99 8.73 -44.51 13.69
C LEU B 99 10.04 -45.28 13.73
N LYS B 100 10.07 -46.48 13.16
CA LYS B 100 11.26 -47.34 13.18
C LYS B 100 11.90 -47.41 11.82
N TYR B 101 11.11 -47.67 10.77
CA TYR B 101 11.63 -47.88 9.43
C TYR B 101 11.23 -46.87 8.39
N PRO B 102 12.09 -45.92 7.99
CA PRO B 102 11.71 -45.00 6.90
C PRO B 102 11.45 -45.79 5.61
N LEU B 103 10.37 -45.44 4.91
CA LEU B 103 10.05 -46.07 3.63
C LEU B 103 10.61 -45.14 2.57
N ASN B 104 11.66 -45.59 1.89
CA ASN B 104 12.38 -44.79 0.92
C ASN B 104 11.65 -44.55 -0.37
N CYS B 105 11.84 -43.35 -0.88
CA CYS B 105 11.29 -42.82 -2.11
C CYS B 105 12.31 -42.88 -3.22
N ALA B 106 11.89 -43.42 -4.38
CA ALA B 106 12.72 -43.58 -5.57
C ALA B 106 12.59 -42.39 -6.53
N ASP B 107 11.55 -41.54 -6.33
CA ASP B 107 11.27 -40.35 -7.13
C ASP B 107 12.46 -39.38 -7.12
N PRO B 108 13.00 -39.02 -8.29
CA PRO B 108 14.15 -38.10 -8.32
C PRO B 108 13.78 -36.61 -8.48
N THR B 109 12.47 -36.24 -8.38
CA THR B 109 12.02 -34.85 -8.64
C THR B 109 12.61 -33.80 -7.72
N SER B 110 12.82 -34.15 -6.44
CA SER B 110 13.39 -33.28 -5.42
C SER B 110 14.91 -33.27 -5.35
N GLU B 111 15.56 -33.87 -6.35
CA GLU B 111 17.03 -33.91 -6.42
C GLU B 111 17.56 -32.68 -7.14
N ARG B 112 18.66 -32.10 -6.63
CA ARG B 112 19.28 -30.90 -7.20
C ARG B 112 19.76 -31.13 -8.65
N TRP B 113 20.18 -32.37 -8.95
CA TRP B 113 20.73 -32.76 -10.24
C TRP B 113 19.73 -33.26 -11.30
N PHE B 114 18.47 -33.54 -10.93
CA PHE B 114 17.49 -34.08 -11.87
C PHE B 114 16.68 -33.01 -12.60
N HIS B 115 16.68 -33.05 -13.95
CA HIS B 115 16.03 -32.04 -14.77
C HIS B 115 14.96 -32.55 -15.74
N GLY B 116 14.44 -33.76 -15.51
CA GLY B 116 13.38 -34.38 -16.31
C GLY B 116 13.48 -34.16 -17.80
N HIS B 117 12.49 -33.46 -18.37
CA HIS B 117 12.44 -33.13 -19.79
C HIS B 117 13.44 -32.00 -20.10
N LEU B 118 14.69 -32.36 -20.35
CA LEU B 118 15.73 -31.39 -20.71
C LEU B 118 16.55 -31.97 -21.85
N SER B 119 16.50 -31.30 -23.02
CA SER B 119 17.22 -31.69 -24.24
C SER B 119 18.72 -31.76 -24.03
N GLY B 120 19.40 -32.50 -24.90
CA GLY B 120 20.85 -32.70 -24.87
C GLY B 120 21.67 -31.44 -25.04
N ALA B 123 21.29 -29.04 -22.26
CA ALA B 123 22.12 -29.58 -21.18
C ALA B 123 23.55 -29.14 -21.33
N GLU B 124 24.09 -29.24 -22.56
CA GLU B 124 25.48 -28.89 -22.87
C GLU B 124 25.72 -27.37 -22.80
N LYS B 125 24.70 -26.56 -23.12
CA LYS B 125 24.77 -25.09 -23.07
C LYS B 125 25.02 -24.70 -21.61
N LEU B 126 24.10 -25.13 -20.72
CA LEU B 126 24.11 -24.87 -19.28
C LEU B 126 25.42 -25.29 -18.62
N LEU B 127 25.93 -26.51 -18.94
CA LEU B 127 27.20 -26.99 -18.39
C LEU B 127 28.39 -26.16 -18.90
N THR B 128 28.28 -25.58 -20.10
CA THR B 128 29.34 -24.73 -20.65
C THR B 128 29.28 -23.35 -19.98
N GLU B 129 28.07 -22.74 -19.94
CA GLU B 129 27.77 -21.41 -19.38
C GLU B 129 28.03 -21.33 -17.88
N LYS B 130 27.29 -22.14 -17.09
CA LYS B 130 27.27 -22.18 -15.62
C LYS B 130 28.21 -23.20 -14.96
N GLY B 131 28.50 -24.31 -15.64
CA GLY B 131 29.31 -25.38 -15.10
C GLY B 131 30.79 -25.13 -14.88
N LYS B 132 31.41 -26.05 -14.12
CA LYS B 132 32.85 -26.15 -13.81
C LYS B 132 33.23 -27.65 -13.67
N HIS B 133 34.48 -27.98 -13.24
CA HIS B 133 34.89 -29.38 -13.08
C HIS B 133 34.03 -30.15 -12.04
N GLY B 134 33.42 -31.23 -12.48
CA GLY B 134 32.58 -32.06 -11.64
C GLY B 134 31.11 -31.73 -11.68
N SER B 135 30.71 -30.67 -12.44
CA SER B 135 29.29 -30.27 -12.49
C SER B 135 28.52 -31.30 -13.27
N PHE B 136 27.39 -31.71 -12.74
CA PHE B 136 26.62 -32.76 -13.42
C PHE B 136 25.15 -32.51 -13.33
N LEU B 137 24.40 -33.28 -14.13
CA LEU B 137 22.96 -33.29 -14.16
C LEU B 137 22.50 -34.66 -14.66
N VAL B 138 21.25 -34.99 -14.41
CA VAL B 138 20.61 -36.20 -14.90
C VAL B 138 19.35 -35.70 -15.58
N ARG B 139 19.16 -36.13 -16.84
CA ARG B 139 18.03 -35.74 -17.69
C ARG B 139 17.36 -36.96 -18.29
N GLU B 140 16.06 -36.85 -18.55
CA GLU B 140 15.24 -37.89 -19.18
C GLU B 140 15.30 -37.72 -20.71
N PRO B 145 15.10 -43.36 -25.37
CA PRO B 145 13.79 -43.02 -24.80
C PRO B 145 13.39 -43.99 -23.69
N GLY B 146 12.84 -43.45 -22.59
CA GLY B 146 12.49 -44.21 -21.37
C GLY B 146 13.68 -44.30 -20.43
N ASP B 147 14.88 -44.14 -21.00
CA ASP B 147 16.17 -44.12 -20.34
C ASP B 147 16.51 -42.68 -19.89
N PHE B 148 17.71 -42.49 -19.32
CA PHE B 148 18.16 -41.20 -18.82
C PHE B 148 19.59 -40.96 -19.28
N VAL B 149 20.11 -39.77 -19.03
CA VAL B 149 21.48 -39.41 -19.41
C VAL B 149 22.10 -38.66 -18.25
N LEU B 150 23.34 -39.00 -17.92
CA LEU B 150 24.13 -38.34 -16.89
C LEU B 150 25.14 -37.53 -17.68
N SER B 151 25.05 -36.19 -17.60
CA SER B 151 25.96 -35.28 -18.30
C SER B 151 26.86 -34.60 -17.30
N VAL B 152 28.17 -34.72 -17.50
CA VAL B 152 29.24 -34.27 -16.59
C VAL B 152 30.27 -33.45 -17.31
N ARG B 153 30.65 -32.31 -16.70
CA ARG B 153 31.71 -31.46 -17.18
C ARG B 153 33.00 -31.87 -16.44
N THR B 154 34.14 -31.98 -17.17
CA THR B 154 35.40 -32.38 -16.52
C THR B 154 36.57 -31.42 -16.80
N SER B 166 38.62 -28.58 -21.00
CA SER B 166 37.29 -28.96 -20.48
C SER B 166 36.36 -29.49 -21.57
N LYS B 167 35.43 -30.37 -21.17
CA LYS B 167 34.47 -31.02 -22.08
C LYS B 167 33.20 -31.43 -21.31
N VAL B 168 32.15 -31.86 -22.05
CA VAL B 168 30.91 -32.38 -21.50
C VAL B 168 30.77 -33.85 -21.97
N THR B 169 30.88 -34.81 -21.03
CA THR B 169 30.71 -36.24 -21.32
C THR B 169 29.27 -36.64 -21.00
N HIS B 170 28.63 -37.44 -21.86
CA HIS B 170 27.27 -37.97 -21.68
C HIS B 170 27.36 -39.48 -21.45
N VAL B 171 26.71 -39.96 -20.38
CA VAL B 171 26.70 -41.37 -19.97
C VAL B 171 25.26 -41.87 -20.03
N MET B 172 25.01 -42.89 -20.86
CA MET B 172 23.65 -43.43 -20.97
C MET B 172 23.24 -44.19 -19.70
N ILE B 173 22.00 -43.96 -19.24
CA ILE B 173 21.47 -44.61 -18.06
C ILE B 173 20.27 -45.37 -18.57
N ARG B 174 20.34 -46.70 -18.57
CA ARG B 174 19.20 -47.45 -19.08
C ARG B 174 18.28 -47.89 -17.98
N CYS B 175 16.99 -47.88 -18.27
CA CYS B 175 15.98 -48.30 -17.30
C CYS B 175 15.46 -49.65 -17.75
N GLN B 176 15.73 -50.67 -16.95
CA GLN B 176 15.34 -52.04 -17.23
C GLN B 176 14.65 -52.58 -16.00
N GLU B 177 13.36 -52.95 -16.14
CA GLU B 177 12.49 -53.48 -15.10
C GLU B 177 12.49 -52.65 -13.81
N LEU B 178 12.42 -51.31 -13.97
CA LEU B 178 12.45 -50.29 -12.90
C LEU B 178 13.81 -50.22 -12.19
N LYS B 179 14.87 -50.79 -12.80
CA LYS B 179 16.23 -50.74 -12.27
C LYS B 179 17.13 -49.95 -13.21
N TYR B 180 18.10 -49.22 -12.64
CA TYR B 180 18.95 -48.33 -13.42
C TYR B 180 20.38 -48.76 -13.47
N ASP B 181 21.01 -48.64 -14.65
CA ASP B 181 22.40 -49.02 -14.85
C ASP B 181 23.09 -48.22 -15.99
N VAL B 182 24.44 -48.14 -15.96
CA VAL B 182 25.25 -47.46 -16.98
C VAL B 182 25.77 -48.42 -18.10
N GLY B 183 24.99 -49.46 -18.39
CA GLY B 183 25.33 -50.44 -19.42
C GLY B 183 26.03 -51.69 -18.91
N GLY B 184 26.53 -51.64 -17.69
CA GLY B 184 27.21 -52.75 -17.02
C GLY B 184 27.34 -52.51 -15.54
N GLY B 185 27.67 -53.56 -14.79
CA GLY B 185 27.89 -53.53 -13.36
C GLY B 185 26.63 -53.66 -12.54
N GLU B 186 26.52 -52.85 -11.47
CA GLU B 186 25.34 -52.91 -10.60
C GLU B 186 24.09 -52.32 -11.24
N ARG B 187 22.92 -52.81 -10.80
CA ARG B 187 21.61 -52.33 -11.20
C ARG B 187 21.01 -51.69 -9.95
N PHE B 188 20.57 -50.45 -10.06
CA PHE B 188 20.08 -49.64 -8.93
C PHE B 188 18.56 -49.51 -8.86
N ASP B 189 18.02 -49.39 -7.64
CA ASP B 189 16.57 -49.27 -7.46
C ASP B 189 16.06 -47.86 -7.74
N SER B 190 16.97 -46.87 -7.81
CA SER B 190 16.62 -45.48 -8.06
C SER B 190 17.79 -44.74 -8.70
N LEU B 191 17.51 -43.60 -9.38
CA LEU B 191 18.55 -42.75 -9.96
C LEU B 191 19.42 -42.21 -8.84
N THR B 192 18.80 -41.91 -7.68
CA THR B 192 19.49 -41.43 -6.48
C THR B 192 20.62 -42.38 -6.12
N ASP B 193 20.29 -43.68 -5.88
CA ASP B 193 21.27 -44.75 -5.54
C ASP B 193 22.40 -44.86 -6.58
N LEU B 194 22.04 -44.81 -7.89
CA LEU B 194 23.04 -44.85 -8.98
C LEU B 194 23.97 -43.64 -8.88
N VAL B 195 23.40 -42.41 -8.71
CA VAL B 195 24.17 -41.17 -8.58
C VAL B 195 25.10 -41.24 -7.36
N GLU B 196 24.56 -41.67 -6.19
CA GLU B 196 25.33 -41.82 -4.95
C GLU B 196 26.50 -42.79 -5.14
N HIS B 197 26.26 -43.89 -5.86
CA HIS B 197 27.30 -44.88 -6.15
C HIS B 197 28.41 -44.30 -7.03
N TYR B 198 28.05 -43.64 -8.15
CA TYR B 198 29.05 -43.09 -9.07
C TYR B 198 29.69 -41.77 -8.55
N LYS B 199 29.16 -41.19 -7.46
CA LYS B 199 29.76 -40.06 -6.73
C LYS B 199 30.90 -40.67 -5.88
N LYS B 200 30.65 -41.86 -5.29
CA LYS B 200 31.57 -42.60 -4.41
C LYS B 200 32.67 -43.33 -5.21
N ASN B 201 32.25 -44.10 -6.24
CA ASN B 201 33.11 -44.89 -7.13
C ASN B 201 32.98 -44.27 -8.52
N PRO B 202 33.76 -43.21 -8.81
CA PRO B 202 33.61 -42.53 -10.10
C PRO B 202 33.98 -43.40 -11.28
N MET B 203 33.28 -43.20 -12.40
CA MET B 203 33.57 -43.91 -13.64
C MET B 203 34.85 -43.31 -14.19
N VAL B 204 35.72 -44.14 -14.76
CA VAL B 204 36.99 -43.71 -15.35
C VAL B 204 36.94 -44.16 -16.81
N GLU B 205 37.31 -43.26 -17.73
CA GLU B 205 37.35 -43.58 -19.16
C GLU B 205 38.60 -44.40 -19.47
N THR B 206 38.61 -45.20 -20.58
CA THR B 206 39.75 -46.05 -20.98
C THR B 206 41.06 -45.24 -21.12
N LEU B 207 40.94 -43.94 -21.49
CA LEU B 207 42.08 -43.05 -21.63
C LEU B 207 42.41 -42.29 -20.32
N GLY B 208 41.72 -42.63 -19.23
CA GLY B 208 42.00 -42.11 -17.90
C GLY B 208 41.17 -41.01 -17.27
N THR B 209 40.27 -40.37 -18.04
CA THR B 209 39.44 -39.29 -17.47
C THR B 209 38.46 -39.82 -16.42
N VAL B 210 38.65 -39.36 -15.16
CA VAL B 210 37.80 -39.72 -14.01
C VAL B 210 36.59 -38.80 -14.06
N LEU B 211 35.41 -39.37 -14.29
CA LEU B 211 34.16 -38.62 -14.39
C LEU B 211 33.60 -38.32 -12.99
N GLN B 212 34.28 -37.39 -12.29
CA GLN B 212 33.93 -36.96 -10.93
C GLN B 212 32.60 -36.20 -10.92
N LEU B 213 31.67 -36.63 -10.05
CA LEU B 213 30.35 -36.01 -9.87
C LEU B 213 30.49 -35.14 -8.62
N LYS B 214 31.21 -34.02 -8.76
CA LYS B 214 31.56 -33.14 -7.65
C LYS B 214 30.37 -32.32 -7.10
N GLN B 215 29.59 -31.68 -8.00
CA GLN B 215 28.44 -30.88 -7.58
C GLN B 215 27.34 -30.83 -8.64
N PRO B 216 26.04 -30.77 -8.25
CA PRO B 216 24.98 -30.62 -9.27
C PRO B 216 25.15 -29.29 -10.00
N LEU B 217 24.71 -29.20 -11.26
CA LEU B 217 24.84 -27.95 -12.01
C LEU B 217 23.92 -26.89 -11.38
N ASN B 218 24.41 -25.65 -11.18
CA ASN B 218 23.55 -24.63 -10.60
C ASN B 218 22.60 -24.01 -11.63
N THR B 219 21.29 -24.15 -11.38
CA THR B 219 20.25 -23.64 -12.26
C THR B 219 19.36 -22.57 -11.57
N THR B 220 19.54 -22.35 -10.26
CA THR B 220 18.70 -21.41 -9.49
C THR B 220 19.35 -20.01 -9.40
N ARG B 221 20.70 -19.91 -9.53
CA ARG B 221 21.40 -18.63 -9.49
C ARG B 221 21.02 -17.83 -10.77
N ILE B 222 20.61 -16.58 -10.60
CA ILE B 222 20.16 -15.69 -11.68
C ILE B 222 20.78 -14.33 -11.56
N ASN B 223 20.80 -13.58 -12.67
CA ASN B 223 21.22 -12.19 -12.62
C ASN B 223 19.94 -11.45 -12.17
N ALA B 224 20.08 -10.47 -11.25
CA ALA B 224 18.94 -9.71 -10.69
C ALA B 224 17.92 -9.19 -11.74
N ALA B 225 18.39 -8.73 -12.92
CA ALA B 225 17.54 -8.22 -14.02
C ALA B 225 16.68 -9.30 -14.68
N GLU B 226 17.01 -10.59 -14.48
CA GLU B 226 16.27 -11.74 -15.03
C GLU B 226 15.11 -12.18 -14.12
N ILE B 227 14.96 -11.56 -12.91
CA ILE B 227 13.98 -11.97 -11.89
C ILE B 227 12.56 -12.16 -12.43
N GLU B 228 12.02 -11.20 -13.22
CA GLU B 228 10.65 -11.29 -13.74
C GLU B 228 10.47 -12.52 -14.61
N SER B 229 11.45 -12.76 -15.52
CA SER B 229 11.51 -13.91 -16.42
C SER B 229 11.54 -15.21 -15.58
N ARG B 230 12.31 -15.22 -14.47
CA ARG B 230 12.39 -16.40 -13.59
C ARG B 230 11.09 -16.60 -12.79
N VAL B 231 10.47 -15.53 -12.28
CA VAL B 231 9.23 -15.64 -11.50
C VAL B 231 8.11 -16.20 -12.39
N ARG B 232 8.06 -15.75 -13.66
CA ARG B 232 7.11 -16.22 -14.67
C ARG B 232 7.36 -17.72 -14.96
N GLU B 233 8.63 -18.09 -15.20
CA GLU B 233 9.04 -19.49 -15.42
C GLU B 233 8.67 -20.37 -14.19
N LEU B 234 8.90 -19.88 -12.94
CA LEU B 234 8.52 -20.62 -11.72
C LEU B 234 7.00 -20.66 -11.47
N SER B 235 6.24 -19.73 -12.09
CA SER B 235 4.78 -19.65 -11.95
C SER B 235 4.08 -20.62 -12.92
N LYS B 236 4.81 -21.06 -13.97
CA LYS B 236 4.33 -22.01 -14.97
C LYS B 236 4.17 -23.39 -14.35
N GLN B 246 3.76 -26.77 -10.49
CA GLN B 246 4.41 -25.45 -10.50
C GLN B 246 5.91 -25.47 -10.13
N GLY B 247 6.69 -24.66 -10.84
CA GLY B 247 8.13 -24.50 -10.64
C GLY B 247 8.53 -24.08 -9.24
N PHE B 248 7.72 -23.21 -8.58
CA PHE B 248 7.98 -22.75 -7.19
C PHE B 248 7.98 -23.88 -6.20
N TRP B 249 6.98 -24.76 -6.32
CA TRP B 249 6.79 -25.93 -5.49
C TRP B 249 7.98 -26.87 -5.57
N GLU B 250 8.43 -27.14 -6.80
CA GLU B 250 9.53 -28.03 -7.12
C GLU B 250 10.85 -27.52 -6.57
N GLU B 251 11.16 -26.23 -6.83
CA GLU B 251 12.39 -25.63 -6.32
C GLU B 251 12.38 -25.61 -4.77
N PHE B 252 11.22 -25.31 -4.16
CA PHE B 252 11.05 -25.31 -2.70
C PHE B 252 11.28 -26.69 -2.11
N GLU B 253 10.62 -27.72 -2.67
CA GLU B 253 10.78 -29.09 -2.14
C GLU B 253 12.15 -29.67 -2.35
N THR B 254 12.92 -29.17 -3.33
CA THR B 254 14.33 -29.56 -3.58
C THR B 254 15.20 -28.94 -2.47
N LEU B 255 14.84 -27.72 -2.04
CA LEU B 255 15.51 -27.03 -0.92
C LEU B 255 15.20 -27.79 0.39
N GLN B 256 13.92 -28.20 0.59
CA GLN B 256 13.50 -28.94 1.78
C GLN B 256 14.22 -30.27 1.90
N GLN B 257 14.52 -30.92 0.75
CA GLN B 257 15.23 -32.20 0.72
C GLN B 257 16.64 -32.03 1.28
N GLN B 258 17.23 -30.82 1.20
CA GLN B 258 18.58 -30.55 1.71
C GLN B 258 18.64 -30.24 3.24
N GLU B 259 17.51 -30.31 3.94
CA GLU B 259 17.49 -29.98 5.37
C GLU B 259 18.11 -31.04 6.28
N CYS B 260 18.18 -32.32 5.79
CA CYS B 260 18.78 -33.45 6.52
CA CYS B 260 18.78 -33.41 6.56
C CYS B 260 20.28 -33.21 6.78
N LYS B 261 20.88 -32.27 6.03
CA LYS B 261 22.29 -31.89 6.12
C LYS B 261 22.48 -30.89 7.24
N LEU B 262 21.39 -30.38 7.83
CA LEU B 262 21.47 -29.33 8.85
C LEU B 262 21.04 -29.76 10.25
N LEU B 263 21.18 -31.06 10.55
CA LEU B 263 20.81 -31.62 11.84
C LEU B 263 21.94 -31.47 12.85
N TYR B 264 22.35 -30.20 13.11
CA TYR B 264 23.44 -29.87 14.04
C TYR B 264 22.91 -29.97 15.47
N SER B 265 23.85 -30.04 16.43
CA SER B 265 23.50 -30.18 17.83
C SER B 265 22.81 -28.96 18.40
N ARG B 266 21.78 -29.21 19.21
CA ARG B 266 20.97 -28.24 19.95
C ARG B 266 20.93 -28.76 21.42
N LYS B 267 22.08 -29.21 21.93
CA LYS B 267 22.23 -29.75 23.29
C LYS B 267 22.02 -28.73 24.43
N GLU B 268 22.57 -27.50 24.30
CA GLU B 268 22.40 -26.48 25.36
C GLU B 268 20.93 -26.18 25.63
N GLY B 269 20.13 -26.11 24.57
CA GLY B 269 18.68 -25.86 24.67
C GLY B 269 17.86 -26.96 25.35
N GLN B 270 18.42 -28.19 25.44
CA GLN B 270 17.79 -29.36 26.06
C GLN B 270 17.98 -29.43 27.58
N ARG B 271 18.99 -28.70 28.11
CA ARG B 271 19.32 -28.64 29.55
C ARG B 271 18.12 -28.33 30.37
N GLN B 272 17.99 -29.00 31.53
CA GLN B 272 16.89 -28.81 32.49
C GLN B 272 16.64 -27.36 32.82
N GLU B 273 17.72 -26.64 33.06
CA GLU B 273 17.64 -25.25 33.47
C GLU B 273 17.21 -24.31 32.34
N ASN B 274 17.22 -24.80 31.06
CA ASN B 274 16.92 -24.05 29.85
C ASN B 274 15.57 -24.35 29.24
N LYS B 275 14.97 -25.49 29.62
CA LYS B 275 13.67 -25.96 29.13
C LYS B 275 12.60 -24.88 29.17
N ASN B 276 12.47 -24.19 30.29
CA ASN B 276 11.47 -23.15 30.50
C ASN B 276 11.79 -21.82 29.75
N LYS B 277 12.97 -21.73 29.09
CA LYS B 277 13.41 -20.55 28.33
C LYS B 277 13.07 -20.70 26.83
N ASN B 278 12.48 -21.85 26.50
CA ASN B 278 12.08 -22.16 25.13
C ASN B 278 10.57 -21.99 25.03
N ARG B 279 10.08 -21.22 24.04
CA ARG B 279 8.65 -20.98 23.85
C ARG B 279 8.01 -22.29 23.40
N TYR B 280 8.75 -23.04 22.58
CA TYR B 280 8.32 -24.31 22.03
C TYR B 280 9.43 -25.27 22.38
N LYS B 281 9.07 -26.27 23.21
CA LYS B 281 9.93 -27.33 23.75
C LYS B 281 10.98 -27.89 22.76
N ASN B 282 10.55 -28.22 21.54
CA ASN B 282 11.40 -28.89 20.55
C ASN B 282 11.99 -27.99 19.47
N ILE B 283 11.80 -26.66 19.60
CA ILE B 283 12.36 -25.69 18.64
C ILE B 283 13.54 -25.04 19.37
N LEU B 284 14.77 -25.47 19.00
CA LEU B 284 15.99 -25.09 19.71
C LEU B 284 17.07 -24.41 18.86
N PRO B 285 17.90 -23.54 19.51
CA PRO B 285 18.98 -22.87 18.77
C PRO B 285 20.20 -23.78 18.60
N PHE B 286 20.88 -23.69 17.44
CA PHE B 286 22.07 -24.49 17.22
C PHE B 286 23.11 -24.06 18.21
N ASP B 287 23.79 -25.03 18.86
CA ASP B 287 24.85 -24.73 19.82
C ASP B 287 25.94 -23.91 19.17
N HIS B 288 26.29 -24.19 17.88
CA HIS B 288 27.42 -23.52 17.22
C HIS B 288 27.17 -22.04 16.84
N THR B 289 25.91 -21.58 16.79
CA THR B 289 25.62 -20.17 16.44
C THR B 289 24.76 -19.46 17.50
N ARG B 290 24.47 -20.14 18.64
CA ARG B 290 23.64 -19.56 19.69
C ARG B 290 24.31 -18.36 20.31
N VAL B 291 23.50 -17.41 20.75
CA VAL B 291 23.99 -16.25 21.48
C VAL B 291 24.33 -16.74 22.92
N VAL B 292 25.59 -16.61 23.32
CA VAL B 292 26.01 -17.01 24.67
C VAL B 292 26.00 -15.73 25.54
N LEU B 293 25.22 -15.74 26.63
CA LEU B 293 25.15 -14.57 27.50
C LEU B 293 26.22 -14.66 28.58
N HIS B 294 27.16 -13.70 28.59
CA HIS B 294 28.30 -13.62 29.50
C HIS B 294 27.94 -12.61 30.58
N VAL B 302 23.20 -22.02 35.52
CA VAL B 302 23.13 -21.59 34.12
C VAL B 302 22.45 -20.22 34.03
N SER B 303 23.14 -19.27 33.36
CA SER B 303 22.71 -17.91 33.09
C SER B 303 23.17 -17.48 31.67
N ASP B 304 23.72 -18.42 30.88
CA ASP B 304 24.28 -18.11 29.57
C ASP B 304 23.33 -18.34 28.36
N TYR B 305 22.08 -18.76 28.63
CA TYR B 305 21.17 -19.20 27.59
C TYR B 305 20.03 -18.26 27.19
N ILE B 306 19.81 -18.20 25.85
CA ILE B 306 18.69 -17.50 25.22
C ILE B 306 18.38 -18.27 23.93
N ASN B 307 17.10 -18.47 23.60
CA ASN B 307 16.75 -19.16 22.35
C ASN B 307 16.87 -18.12 21.18
N ALA B 308 18.09 -17.94 20.73
CA ALA B 308 18.49 -16.96 19.73
C ALA B 308 19.77 -17.45 19.07
N ASN B 309 19.93 -17.12 17.80
CA ASN B 309 21.13 -17.42 17.02
C ASN B 309 21.59 -16.22 16.25
N ILE B 310 22.90 -16.08 16.14
CA ILE B 310 23.50 -15.04 15.30
C ILE B 310 23.37 -15.56 13.89
N ILE B 311 22.90 -14.71 12.98
CA ILE B 311 22.80 -15.00 11.55
C ILE B 311 23.78 -14.09 10.82
N MET B 312 24.84 -14.66 10.25
CA MET B 312 25.88 -13.97 9.49
C MET B 312 25.66 -14.25 8.01
N PRO B 313 25.39 -13.25 7.15
CA PRO B 313 25.20 -13.54 5.71
C PRO B 313 26.45 -14.07 5.01
N PRO B 324 31.71 -3.17 5.96
CA PRO B 324 30.98 -3.59 7.17
C PRO B 324 29.77 -4.45 6.84
N LYS B 325 29.79 -5.71 7.32
CA LYS B 325 28.72 -6.68 7.08
C LYS B 325 27.60 -6.55 8.09
N LYS B 326 26.33 -6.59 7.61
CA LYS B 326 25.18 -6.51 8.52
C LYS B 326 24.85 -7.91 9.02
N SER B 327 24.80 -8.10 10.33
CA SER B 327 24.44 -9.41 10.85
C SER B 327 23.11 -9.33 11.62
N TYR B 328 22.52 -10.48 11.91
CA TYR B 328 21.22 -10.52 12.58
C TYR B 328 21.29 -11.45 13.75
N ILE B 329 20.33 -11.28 14.65
CA ILE B 329 20.05 -12.20 15.73
C ILE B 329 18.62 -12.62 15.44
N ALA B 330 18.40 -13.87 15.14
CA ALA B 330 17.05 -14.37 14.93
C ALA B 330 16.65 -15.03 16.24
N THR B 331 15.53 -14.59 16.81
CA THR B 331 15.10 -15.07 18.12
C THR B 331 13.57 -15.26 18.21
N GLN B 332 13.11 -15.89 19.29
CA GLN B 332 11.72 -16.15 19.54
C GLN B 332 11.11 -14.93 20.23
N GLY B 333 9.78 -14.91 20.31
CA GLY B 333 9.10 -13.88 21.06
C GLY B 333 9.37 -14.14 22.55
N CYS B 334 9.74 -13.08 23.33
CA CYS B 334 9.99 -13.11 24.78
C CYS B 334 8.95 -13.88 25.54
N LEU B 335 9.41 -14.63 26.54
CA LEU B 335 8.54 -15.27 27.52
C LEU B 335 8.64 -14.34 28.74
N GLN B 336 7.70 -14.41 29.70
CA GLN B 336 7.80 -13.56 30.91
C GLN B 336 9.12 -13.76 31.67
N ASN B 337 9.56 -15.02 31.74
CA ASN B 337 10.80 -15.41 32.42
C ASN B 337 12.05 -15.22 31.56
N THR B 338 11.91 -14.73 30.28
CA THR B 338 13.09 -14.51 29.43
C THR B 338 13.28 -13.02 29.04
N VAL B 339 12.39 -12.12 29.52
CA VAL B 339 12.49 -10.69 29.23
C VAL B 339 13.87 -10.12 29.60
N ASN B 340 14.39 -10.41 30.82
CA ASN B 340 15.70 -9.89 31.27
C ASN B 340 16.85 -10.43 30.44
N ASP B 341 16.79 -11.70 30.02
CA ASP B 341 17.79 -12.34 29.20
C ASP B 341 17.82 -11.69 27.80
N PHE B 342 16.64 -11.34 27.27
CA PHE B 342 16.50 -10.61 26.02
C PHE B 342 17.28 -9.28 26.08
N TRP B 343 17.09 -8.48 27.18
CA TRP B 343 17.77 -7.19 27.31
C TRP B 343 19.27 -7.35 27.56
N ARG B 344 19.69 -8.44 28.26
CA ARG B 344 21.12 -8.75 28.43
C ARG B 344 21.72 -9.01 27.04
N MET B 345 21.01 -9.71 26.18
CA MET B 345 21.46 -10.02 24.80
C MET B 345 21.60 -8.75 23.95
N VAL B 346 20.58 -7.88 23.96
CA VAL B 346 20.59 -6.63 23.21
C VAL B 346 21.80 -5.78 23.63
N PHE B 347 22.01 -5.65 24.96
CA PHE B 347 23.11 -4.88 25.54
C PHE B 347 24.49 -5.46 25.15
N GLN B 348 24.73 -6.75 25.43
CA GLN B 348 25.99 -7.45 25.16
C GLN B 348 26.41 -7.39 23.69
N GLU B 349 25.44 -7.62 22.80
CA GLU B 349 25.66 -7.67 21.37
C GLU B 349 25.69 -6.29 20.70
N ASN B 350 25.44 -5.22 21.50
CA ASN B 350 25.43 -3.84 21.03
C ASN B 350 24.40 -3.59 19.89
N SER B 351 23.28 -4.34 19.90
CA SER B 351 22.19 -4.19 18.92
C SER B 351 21.52 -2.84 19.16
N ARG B 352 21.33 -2.09 18.08
CA ARG B 352 20.68 -0.79 18.18
C ARG B 352 19.34 -0.82 17.48
N VAL B 353 18.96 -1.98 16.88
CA VAL B 353 17.73 -2.12 16.13
C VAL B 353 17.10 -3.46 16.41
N ILE B 354 15.79 -3.46 16.61
CA ILE B 354 14.98 -4.65 16.82
C ILE B 354 13.84 -4.61 15.83
N VAL B 355 13.61 -5.75 15.22
CA VAL B 355 12.48 -5.95 14.32
C VAL B 355 11.55 -7.00 14.92
N MET B 356 10.36 -6.55 15.26
CA MET B 356 9.33 -7.42 15.82
C MET B 356 8.33 -7.60 14.70
N THR B 357 8.09 -8.83 14.31
CA THR B 357 7.28 -9.17 13.12
C THR B 357 5.94 -9.79 13.48
N THR B 358 5.55 -9.65 14.73
CA THR B 358 4.32 -10.22 15.25
C THR B 358 3.60 -9.21 16.13
N LYS B 359 2.28 -9.37 16.27
CA LYS B 359 1.51 -8.58 17.25
C LYS B 359 1.75 -9.32 18.59
N GLU B 360 1.51 -8.66 19.75
CA GLU B 360 1.71 -9.35 21.04
C GLU B 360 0.77 -10.55 21.12
N VAL B 361 -0.47 -10.38 20.59
CA VAL B 361 -1.52 -11.39 20.59
C VAL B 361 -2.05 -11.55 19.17
N GLU B 362 -2.09 -12.80 18.69
CA GLU B 362 -2.64 -13.12 17.39
C GLU B 362 -3.56 -14.33 17.50
N ARG B 363 -4.80 -14.17 16.97
CA ARG B 363 -5.88 -15.18 16.96
C ARG B 363 -6.10 -15.74 18.36
N GLY B 364 -6.21 -14.82 19.33
CA GLY B 364 -6.39 -15.11 20.75
C GLY B 364 -5.20 -15.72 21.47
N LYS B 365 -4.04 -15.83 20.80
CA LYS B 365 -2.85 -16.46 21.38
C LYS B 365 -1.69 -15.48 21.62
N SER B 366 -0.96 -15.63 22.76
CA SER B 366 0.21 -14.80 23.06
C SER B 366 1.43 -15.30 22.28
N LYS B 367 2.09 -14.40 21.58
CA LYS B 367 3.23 -14.69 20.70
C LYS B 367 4.52 -14.08 21.25
N CYS B 368 4.38 -13.00 21.99
CA CYS B 368 5.49 -12.23 22.54
C CYS B 368 4.96 -11.44 23.70
N VAL B 369 5.61 -11.56 24.81
CA VAL B 369 5.29 -10.79 26.00
C VAL B 369 5.79 -9.34 25.73
N LYS B 370 5.11 -8.33 26.30
CA LYS B 370 5.49 -6.92 26.15
C LYS B 370 6.80 -6.75 26.93
N TYR B 371 7.89 -6.49 26.22
CA TYR B 371 9.23 -6.40 26.86
C TYR B 371 9.77 -4.99 26.88
N TRP B 372 8.94 -4.04 26.47
CA TRP B 372 9.29 -2.64 26.43
C TRP B 372 8.32 -1.89 27.35
N PRO B 373 8.73 -0.76 27.95
CA PRO B 373 7.78 0.02 28.75
C PRO B 373 6.79 0.79 27.88
N ASP B 374 5.73 1.30 28.50
CA ASP B 374 4.78 2.18 27.81
C ASP B 374 5.50 3.47 27.43
N GLU B 375 4.96 4.19 26.45
CA GLU B 375 5.56 5.45 26.01
C GLU B 375 5.81 6.38 27.19
N TYR B 376 7.00 7.01 27.26
CA TYR B 376 7.43 7.95 28.32
C TYR B 376 7.75 7.26 29.68
N ALA B 377 7.47 5.96 29.83
CA ALA B 377 7.76 5.25 31.06
C ALA B 377 9.18 4.66 31.07
N LEU B 378 9.65 4.32 32.27
CA LEU B 378 10.94 3.71 32.50
C LEU B 378 10.72 2.45 33.33
N LYS B 379 11.44 1.36 32.97
CA LYS B 379 11.40 0.08 33.65
C LYS B 379 12.77 -0.53 33.76
N GLU B 380 12.97 -1.34 34.84
CA GLU B 380 14.17 -2.14 35.09
C GLU B 380 13.80 -3.58 34.83
N TYR B 381 14.57 -4.23 33.98
CA TYR B 381 14.47 -5.64 33.58
C TYR B 381 15.77 -6.20 34.07
N GLY B 382 15.76 -6.59 35.36
CA GLY B 382 16.94 -7.09 36.03
C GLY B 382 17.93 -5.95 36.17
N VAL B 383 19.15 -6.16 35.70
CA VAL B 383 20.20 -5.12 35.77
C VAL B 383 20.08 -4.10 34.60
N MET B 384 19.12 -4.30 33.65
CA MET B 384 18.98 -3.42 32.47
C MET B 384 17.87 -2.43 32.65
N ARG B 385 18.15 -1.19 32.34
CA ARG B 385 17.20 -0.09 32.48
C ARG B 385 16.73 0.36 31.08
N VAL B 386 15.40 0.32 30.83
CA VAL B 386 14.86 0.71 29.54
C VAL B 386 13.91 1.88 29.69
N ARG B 387 14.15 2.95 28.93
CA ARG B 387 13.28 4.11 28.82
C ARG B 387 12.65 4.11 27.41
N ASN B 388 11.33 4.24 27.31
CA ASN B 388 10.65 4.43 26.04
C ASN B 388 10.57 5.95 25.85
N VAL B 389 11.44 6.52 25.01
CA VAL B 389 11.51 7.96 24.77
C VAL B 389 10.32 8.50 23.98
N LYS B 390 9.90 7.78 22.92
CA LYS B 390 8.86 8.22 22.00
C LYS B 390 8.45 7.08 21.08
N GLU B 391 7.14 7.03 20.80
CA GLU B 391 6.57 6.11 19.86
C GLU B 391 6.13 6.95 18.63
N SER B 392 6.35 6.43 17.42
CA SER B 392 5.93 7.05 16.14
C SER B 392 5.19 5.94 15.35
N ALA B 393 3.91 6.16 15.08
CA ALA B 393 3.12 5.15 14.36
C ALA B 393 2.94 5.46 12.86
N ALA B 394 3.00 4.43 12.03
CA ALA B 394 2.78 4.50 10.59
C ALA B 394 1.71 3.43 10.35
N HIS B 395 1.18 3.28 9.14
CA HIS B 395 0.15 2.24 8.92
C HIS B 395 0.67 0.82 9.24
N ASP B 396 1.82 0.45 8.64
CA ASP B 396 2.37 -0.91 8.78
C ASP B 396 3.13 -1.20 10.06
N TYR B 397 3.64 -0.17 10.70
CA TYR B 397 4.46 -0.39 11.87
C TYR B 397 4.45 0.75 12.83
N THR B 398 4.93 0.47 14.06
CA THR B 398 5.18 1.44 15.12
C THR B 398 6.68 1.44 15.35
N LEU B 399 7.24 2.61 15.55
CA LEU B 399 8.64 2.77 15.90
C LEU B 399 8.69 3.26 17.37
N ARG B 400 9.42 2.54 18.22
CA ARG B 400 9.60 2.91 19.61
C ARG B 400 11.07 3.26 19.79
N GLU B 401 11.36 4.48 20.23
CA GLU B 401 12.73 4.91 20.47
C GLU B 401 13.03 4.57 21.94
N LEU B 402 13.83 3.53 22.14
CA LEU B 402 14.13 3.07 23.49
C LEU B 402 15.54 3.45 23.90
N LYS B 403 15.78 3.73 25.18
CA LYS B 403 17.13 4.03 25.70
C LYS B 403 17.45 2.94 26.70
N LEU B 404 18.51 2.19 26.41
CA LEU B 404 18.92 1.05 27.22
C LEU B 404 20.24 1.36 27.89
N SER B 405 20.37 1.01 29.20
CA SER B 405 21.60 1.18 29.96
C SER B 405 21.63 0.14 31.08
N LYS B 406 22.79 -0.12 31.64
CA LYS B 406 22.89 -1.01 32.79
C LYS B 406 22.63 -0.13 34.02
N VAL B 407 21.81 -0.63 34.95
CA VAL B 407 21.54 0.03 36.23
C VAL B 407 22.89 0.32 36.96
N GLY B 408 23.07 1.54 37.43
CA GLY B 408 24.26 1.96 38.17
C GLY B 408 25.38 2.57 37.36
N GLN B 409 25.24 2.55 36.01
CA GLN B 409 26.25 3.07 35.08
C GLN B 409 25.59 3.81 33.90
N GLY B 410 25.29 5.08 34.07
CA GLY B 410 24.65 5.90 33.04
C GLY B 410 25.42 6.03 31.73
N ASN B 411 26.77 5.84 31.80
CA ASN B 411 27.69 5.88 30.65
C ASN B 411 27.48 4.72 29.68
N THR B 412 26.74 3.69 30.09
CA THR B 412 26.43 2.53 29.25
C THR B 412 25.27 2.77 28.30
N GLU B 413 24.56 3.89 28.44
CA GLU B 413 23.38 4.19 27.66
C GLU B 413 23.63 4.26 26.14
N ARG B 414 22.66 3.71 25.38
CA ARG B 414 22.58 3.71 23.93
C ARG B 414 21.10 3.57 23.56
N THR B 415 20.75 4.12 22.39
CA THR B 415 19.40 4.09 21.84
C THR B 415 19.20 2.78 21.06
N VAL B 416 18.06 2.16 21.30
CA VAL B 416 17.63 0.95 20.62
C VAL B 416 16.32 1.34 19.93
N TRP B 417 16.31 1.23 18.59
CA TRP B 417 15.14 1.61 17.80
C TRP B 417 14.32 0.32 17.54
N GLN B 418 13.13 0.25 18.09
CA GLN B 418 12.29 -0.93 17.93
C GLN B 418 11.23 -0.72 16.88
N TYR B 419 11.34 -1.47 15.75
CA TYR B 419 10.42 -1.44 14.61
C TYR B 419 9.46 -2.60 14.74
N HIS B 420 8.20 -2.29 14.96
CA HIS B 420 7.19 -3.28 15.24
C HIS B 420 6.22 -3.36 14.09
N PHE B 421 6.42 -4.36 13.23
CA PHE B 421 5.59 -4.61 12.06
C PHE B 421 4.24 -5.14 12.57
N ARG B 422 3.16 -4.51 12.12
CA ARG B 422 1.79 -4.73 12.58
C ARG B 422 0.86 -5.38 11.57
N THR B 423 1.13 -5.26 10.29
CA THR B 423 0.18 -5.71 9.28
C THR B 423 0.45 -7.07 8.63
N TRP B 424 1.30 -7.92 9.22
CA TRP B 424 1.50 -9.25 8.63
C TRP B 424 0.21 -10.06 8.89
N PRO B 425 -0.37 -10.77 7.90
CA PRO B 425 -1.65 -11.47 8.16
C PRO B 425 -1.58 -12.63 9.15
N ASP B 426 -2.74 -12.97 9.77
CA ASP B 426 -2.90 -14.05 10.75
C ASP B 426 -2.47 -15.36 10.09
N HIS B 427 -2.94 -15.60 8.85
CA HIS B 427 -2.51 -16.74 8.05
C HIS B 427 -1.94 -16.30 6.70
N GLY B 428 -0.93 -17.02 6.26
CA GLY B 428 -0.28 -16.78 4.99
C GLY B 428 0.74 -15.67 5.05
N VAL B 429 0.95 -15.04 3.90
CA VAL B 429 1.91 -13.97 3.74
C VAL B 429 1.14 -12.77 3.19
N PRO B 430 1.70 -11.54 3.23
CA PRO B 430 0.99 -10.41 2.62
C PRO B 430 0.82 -10.61 1.13
N SER B 431 -0.32 -10.16 0.60
CA SER B 431 -0.62 -10.23 -0.84
C SER B 431 0.26 -9.25 -1.63
N ASP B 432 0.77 -8.20 -0.96
CA ASP B 432 1.62 -7.19 -1.59
C ASP B 432 2.92 -7.02 -0.78
N PRO B 433 4.14 -7.11 -1.38
CA PRO B 433 5.36 -7.00 -0.57
C PRO B 433 5.85 -5.58 -0.26
N GLY B 434 5.18 -4.56 -0.82
CA GLY B 434 5.51 -3.14 -0.69
C GLY B 434 5.67 -2.66 0.74
N GLY B 435 4.77 -3.10 1.59
CA GLY B 435 4.76 -2.80 3.03
C GLY B 435 6.02 -3.32 3.69
N VAL B 436 6.36 -4.61 3.43
CA VAL B 436 7.56 -5.24 3.97
C VAL B 436 8.81 -4.54 3.47
N LEU B 437 8.84 -4.19 2.17
CA LEU B 437 9.99 -3.56 1.56
C LEU B 437 10.26 -2.16 2.06
N ASP B 438 9.23 -1.32 2.13
CA ASP B 438 9.38 0.04 2.64
C ASP B 438 9.86 -0.01 4.10
N PHE B 439 9.33 -0.99 4.89
CA PHE B 439 9.73 -1.23 6.29
C PHE B 439 11.20 -1.60 6.40
N LEU B 440 11.62 -2.60 5.62
CA LEU B 440 13.01 -3.05 5.62
C LEU B 440 13.98 -1.94 5.21
N GLU B 441 13.60 -1.14 4.18
CA GLU B 441 14.41 -0.01 3.69
C GLU B 441 14.68 0.99 4.82
N GLU B 442 13.65 1.28 5.60
CA GLU B 442 13.72 2.19 6.74
C GLU B 442 14.64 1.63 7.82
N VAL B 443 14.47 0.31 8.16
CA VAL B 443 15.30 -0.42 9.14
C VAL B 443 16.76 -0.37 8.68
N HIS B 444 16.99 -0.59 7.39
CA HIS B 444 18.33 -0.58 6.82
C HIS B 444 19.07 0.76 7.05
N HIS B 445 18.38 1.85 6.73
CA HIS B 445 18.91 3.19 6.84
C HIS B 445 19.15 3.57 8.26
N LYS B 446 18.27 3.17 9.21
CA LYS B 446 18.55 3.40 10.65
C LYS B 446 19.85 2.74 11.07
N GLN B 447 19.99 1.47 10.73
CA GLN B 447 21.17 0.66 11.06
C GLN B 447 22.45 1.25 10.45
N GLU B 448 22.39 1.71 9.18
CA GLU B 448 23.53 2.29 8.49
C GLU B 448 23.94 3.65 9.10
N SER B 449 22.98 4.39 9.59
CA SER B 449 23.22 5.68 10.23
C SER B 449 23.90 5.61 11.61
N ILE B 450 23.96 4.40 12.24
CA ILE B 450 24.52 4.21 13.60
C ILE B 450 25.87 3.54 13.55
N MET B 451 26.91 4.31 13.90
CA MET B 451 28.29 3.85 13.96
C MET B 451 28.43 2.69 14.95
N ASP B 452 29.10 1.62 14.50
CA ASP B 452 29.41 0.41 15.28
C ASP B 452 28.19 -0.36 15.82
N ALA B 453 26.98 -0.13 15.27
CA ALA B 453 25.79 -0.89 15.65
C ALA B 453 26.05 -2.41 15.53
N GLY B 454 25.63 -3.16 16.53
CA GLY B 454 25.76 -4.61 16.46
C GLY B 454 24.70 -5.22 15.56
N PRO B 455 24.48 -6.56 15.65
CA PRO B 455 23.49 -7.22 14.78
C PRO B 455 22.06 -6.73 14.96
N VAL B 456 21.29 -6.78 13.91
CA VAL B 456 19.88 -6.39 13.98
C VAL B 456 19.09 -7.58 14.57
N VAL B 457 18.36 -7.35 15.68
CA VAL B 457 17.58 -8.41 16.35
C VAL B 457 16.26 -8.57 15.58
N VAL B 458 15.89 -9.80 15.20
CA VAL B 458 14.63 -10.03 14.48
C VAL B 458 13.88 -11.13 15.19
N HIS B 459 12.62 -10.91 15.59
CA HIS B 459 11.84 -11.95 16.23
C HIS B 459 10.41 -11.92 15.76
N CYS B 460 9.73 -13.05 15.88
CA CYS B 460 8.30 -13.31 15.66
C CYS B 460 7.89 -14.21 16.83
N SER B 461 7.32 -15.41 16.62
CA SER B 461 6.88 -16.27 17.73
C SER B 461 7.95 -17.34 18.02
N ALA B 462 8.15 -18.34 17.12
CA ALA B 462 9.22 -19.34 17.28
C ALA B 462 10.58 -18.75 16.81
N GLY B 463 10.51 -17.64 16.08
CA GLY B 463 11.70 -17.00 15.54
C GLY B 463 12.32 -17.72 14.35
N ILE B 464 11.49 -18.42 13.55
CA ILE B 464 12.02 -19.11 12.34
C ILE B 464 11.27 -18.80 11.03
N GLY B 465 9.92 -18.73 11.04
CA GLY B 465 9.15 -18.52 9.82
C GLY B 465 9.17 -17.09 9.31
N ARG B 466 8.40 -16.18 9.96
CA ARG B 466 8.40 -14.76 9.52
C ARG B 466 9.79 -14.13 9.73
N THR B 467 10.46 -14.50 10.81
CA THR B 467 11.83 -14.04 11.13
C THR B 467 12.81 -14.40 9.99
N GLY B 468 12.80 -15.68 9.59
CA GLY B 468 13.64 -16.16 8.49
C GLY B 468 13.29 -15.49 7.19
N THR B 469 11.99 -15.29 6.93
CA THR B 469 11.50 -14.63 5.73
C THR B 469 12.00 -13.18 5.64
N PHE B 470 11.80 -12.37 6.73
CA PHE B 470 12.25 -10.96 6.80
C PHE B 470 13.75 -10.84 6.59
N ILE B 471 14.53 -11.69 7.30
CA ILE B 471 16.01 -11.69 7.20
C ILE B 471 16.49 -12.02 5.78
N VAL B 472 15.94 -13.09 5.14
CA VAL B 472 16.33 -13.52 3.79
C VAL B 472 16.07 -12.38 2.79
N ILE B 473 14.83 -11.77 2.84
CA ILE B 473 14.47 -10.64 1.99
C ILE B 473 15.50 -9.54 2.17
N ASP B 474 15.84 -9.23 3.44
CA ASP B 474 16.83 -8.20 3.79
C ASP B 474 18.22 -8.47 3.27
N ILE B 475 18.64 -9.75 3.25
CA ILE B 475 19.97 -10.11 2.74
C ILE B 475 20.05 -9.87 1.23
N LEU B 476 19.01 -10.34 0.51
CA LEU B 476 18.89 -10.28 -0.94
C LEU B 476 18.79 -8.85 -1.46
N ILE B 477 17.95 -7.99 -0.82
CA ILE B 477 17.82 -6.61 -1.23
C ILE B 477 19.11 -5.85 -0.86
N ASP B 478 19.86 -6.29 0.19
CA ASP B 478 21.18 -5.68 0.49
C ASP B 478 22.18 -5.85 -0.65
N ILE B 479 22.17 -7.02 -1.33
CA ILE B 479 23.06 -7.33 -2.49
C ILE B 479 22.69 -6.36 -3.63
N ILE B 480 21.40 -6.33 -4.02
CA ILE B 480 20.81 -5.50 -5.07
C ILE B 480 21.01 -4.00 -4.79
N ARG B 481 20.87 -3.54 -3.53
CA ARG B 481 21.02 -2.12 -3.15
C ARG B 481 22.44 -1.61 -3.39
N GLU B 482 23.44 -2.46 -3.12
CA GLU B 482 24.87 -2.18 -3.23
C GLU B 482 25.45 -2.33 -4.64
N LYS B 483 24.97 -3.36 -5.40
CA LYS B 483 25.49 -3.69 -6.74
C LYS B 483 24.53 -3.36 -7.89
N GLY B 484 23.31 -2.98 -7.54
CA GLY B 484 22.27 -2.68 -8.53
C GLY B 484 21.78 -3.97 -9.13
N VAL B 485 21.14 -3.88 -10.32
CA VAL B 485 20.62 -5.04 -11.05
C VAL B 485 21.74 -5.91 -11.63
N ASP B 486 22.98 -5.40 -11.65
CA ASP B 486 24.12 -6.14 -12.15
C ASP B 486 24.76 -6.97 -11.03
N CYS B 487 24.00 -7.97 -10.56
CA CYS B 487 24.44 -8.89 -9.51
C CYS B 487 23.75 -10.23 -9.64
N ASP B 488 24.43 -11.28 -9.15
CA ASP B 488 23.92 -12.63 -9.08
C ASP B 488 23.16 -12.82 -7.77
N ILE B 489 21.96 -13.39 -7.85
CA ILE B 489 21.15 -13.76 -6.68
C ILE B 489 20.70 -15.24 -6.85
N ASP B 490 20.67 -15.96 -5.71
CA ASP B 490 20.34 -17.38 -5.64
C ASP B 490 19.58 -17.58 -4.34
N VAL B 491 18.23 -17.54 -4.43
CA VAL B 491 17.30 -17.62 -3.30
C VAL B 491 17.54 -18.90 -2.46
N PRO B 492 17.45 -20.16 -3.02
CA PRO B 492 17.69 -21.36 -2.17
C PRO B 492 19.07 -21.39 -1.53
N LYS B 493 20.14 -20.94 -2.25
CA LYS B 493 21.48 -20.89 -1.66
C LYS B 493 21.51 -19.96 -0.44
N THR B 494 20.82 -18.80 -0.48
CA THR B 494 20.79 -17.82 0.61
C THR B 494 20.04 -18.41 1.79
N ILE B 495 18.88 -19.07 1.52
CA ILE B 495 18.05 -19.70 2.54
C ILE B 495 18.81 -20.84 3.22
N GLN B 496 19.47 -21.72 2.40
CA GLN B 496 20.28 -22.84 2.95
C GLN B 496 21.36 -22.32 3.88
N MET B 497 22.05 -21.23 3.49
CA MET B 497 23.13 -20.63 4.29
C MET B 497 22.56 -20.12 5.68
N VAL B 498 21.35 -19.55 5.68
CA VAL B 498 20.66 -19.02 6.86
C VAL B 498 20.12 -20.18 7.76
N ARG B 499 19.54 -21.24 7.15
CA ARG B 499 19.06 -22.45 7.82
C ARG B 499 20.18 -23.24 8.48
N SER B 500 21.43 -22.99 8.06
CA SER B 500 22.59 -23.64 8.68
C SER B 500 22.98 -22.94 9.99
N GLN B 501 22.38 -21.75 10.23
CA GLN B 501 22.65 -20.93 11.41
C GLN B 501 21.48 -20.90 12.40
N ARG B 502 20.25 -21.18 11.95
CA ARG B 502 19.10 -21.32 12.85
C ARG B 502 18.14 -22.27 12.16
N SER B 503 17.59 -23.22 12.91
CA SER B 503 16.68 -24.25 12.39
C SER B 503 15.48 -23.70 11.65
N GLY B 504 15.19 -24.26 10.48
CA GLY B 504 13.99 -23.98 9.69
C GLY B 504 13.70 -22.53 9.32
N MET B 505 14.75 -21.74 9.09
CA MET B 505 14.61 -20.34 8.70
C MET B 505 13.93 -20.37 7.36
N VAL B 506 12.70 -19.76 7.31
CA VAL B 506 11.79 -19.76 6.16
C VAL B 506 11.08 -21.09 6.26
N GLN B 507 9.80 -21.03 6.66
CA GLN B 507 8.97 -22.20 6.94
C GLN B 507 8.16 -22.77 5.78
N THR B 508 7.51 -21.91 4.99
CA THR B 508 6.56 -22.42 4.00
C THR B 508 6.90 -22.06 2.56
N GLU B 509 6.15 -22.66 1.64
CA GLU B 509 6.26 -22.42 0.23
C GLU B 509 5.69 -21.02 -0.09
N ALA B 510 4.64 -20.60 0.64
CA ALA B 510 4.03 -19.26 0.48
C ALA B 510 5.09 -18.19 0.83
N GLN B 511 5.88 -18.43 1.89
CA GLN B 511 7.00 -17.54 2.29
C GLN B 511 8.10 -17.53 1.25
N TYR B 512 8.38 -18.71 0.65
CA TYR B 512 9.38 -18.85 -0.38
C TYR B 512 9.03 -18.03 -1.63
N ARG B 513 7.77 -18.10 -2.06
CA ARG B 513 7.20 -17.34 -3.18
C ARG B 513 7.19 -15.86 -2.80
N PHE B 514 6.90 -15.55 -1.51
CA PHE B 514 6.88 -14.17 -1.03
C PHE B 514 8.27 -13.51 -1.12
N ILE B 515 9.34 -14.29 -0.90
CA ILE B 515 10.73 -13.78 -0.97
C ILE B 515 11.03 -13.38 -2.44
N TYR B 516 10.65 -14.24 -3.40
CA TYR B 516 10.83 -13.99 -4.84
C TYR B 516 10.03 -12.75 -5.28
N MET B 517 8.73 -12.66 -4.82
CA MET B 517 7.83 -11.52 -5.09
C MET B 517 8.42 -10.21 -4.56
N ALA B 518 8.98 -10.23 -3.33
CA ALA B 518 9.59 -9.06 -2.70
C ALA B 518 10.85 -8.61 -3.43
N VAL B 519 11.70 -9.54 -3.84
CA VAL B 519 12.94 -9.28 -4.59
C VAL B 519 12.61 -8.67 -5.98
N GLN B 520 11.56 -9.20 -6.64
CA GLN B 520 11.11 -8.73 -7.95
C GLN B 520 10.59 -7.30 -7.86
N HIS B 521 9.71 -7.03 -6.87
CA HIS B 521 9.12 -5.71 -6.61
CA HIS B 521 9.15 -5.70 -6.68
C HIS B 521 10.24 -4.70 -6.31
N TYR B 522 11.20 -5.10 -5.46
CA TYR B 522 12.33 -4.20 -5.16
C TYR B 522 13.06 -3.81 -6.47
N ILE B 523 13.40 -4.83 -7.31
CA ILE B 523 14.10 -4.67 -8.61
C ILE B 523 13.30 -3.78 -9.57
N GLU B 524 11.95 -3.97 -9.67
CA GLU B 524 11.03 -3.16 -10.48
C GLU B 524 11.09 -1.65 -10.13
N THR B 525 10.98 -1.32 -8.83
CA THR B 525 10.97 0.05 -8.30
C THR B 525 12.35 0.73 -8.30
N LEU B 526 13.36 0.13 -8.93
CA LEU B 526 14.69 0.75 -9.03
C LEU B 526 14.67 1.80 -10.17
#